data_6AMU
#
_entry.id   6AMU
#
_cell.length_a   232.078
_cell.length_b   50.326
_cell.length_c   84.361
_cell.angle_alpha   90.00
_cell.angle_beta   99.52
_cell.angle_gamma   90.00
#
_symmetry.space_group_name_H-M   'C 1 2 1'
#
loop_
_entity.id
_entity.type
_entity.pdbx_description
1 polymer 'HLA class I histocompatibility antigen, A-2 alpha chain'
2 polymer Beta-2-microglobulin
3 polymer MET-MET-TRP-ASP-ARG-GLY-LEU-GLY-MET-MET
4 polymer 'DMF5 TCR alpha chain'
5 polymer 'DMF5 TCR beta chain'
6 water water
#
loop_
_entity_poly.entity_id
_entity_poly.type
_entity_poly.pdbx_seq_one_letter_code
_entity_poly.pdbx_strand_id
1 'polypeptide(L)'
;SHSMRYFFTSVSRPGRGEPRFIAVGYVDDTQFVRFDSDAASQRMEPRAPWIEQEGPEYWDGETRKVKAHSQTHRVDLGTL
RGYYNQSEAGSHTVQRMYGCDVGSDWRFLRGYHQYAYDGKDYIALKEDLRSWTAADMAAQTTKHKWEAAHVAEQLRAYLE
GTCVEWLRRYLENGKETLQRTDAPKTHMTHHAVSDHEATLRCWALSFYPAEITLTWQRDGEDQTQDTELVETRPAGDGTF
QKWAAVVVPSGQEQRYTCHVQHEGLPKPLTLRW
;
A
2 'polypeptide(L)'
;MIQRTPKIQVYSRHPAENGKSNFLNCYVSGFHPSDIEVDLLKNGERIEKVEHSDLSFSKDWSFYLLYYTEFTPTEKDEYA
CRVNHVTLSQPKIVKWDRDM
;
B
3 'polypeptide(L)' MMWDRGLGMM C
4 'polypeptide(L)'
;EVEQNSGPLSVPEGAIASLNCTYSDRGSQSFFWYRQYSGKSPELIMFIYSNGDKEDGRFTAQLNKASQYVSLLIRDSQPS
DSATYLCAVNFGGGKLIFGQGTELSVKPNIQNPDPAVYQLRDSKSSDKSVCLFTDFDSQTNVSQSKDSDVYITDKCVLDM
RSMDFKSNSAVAWSNKSDFACANAFNNSIIPEDTFFP
;
D
5 'polypeptide(L)'
;IAGITQAPTSQILAAGRRMTLRCTQDMRHNAMYWYRQDLGLGLRLIHYSNTAGTTGKGEVPDGYSVSRANTDDFPLTLAS
AVPSQTSVYFCASSLSFGTEAFFGQGTRLTVVEDLNKVFPPEVAVFEPSEAEISHTQKATLVCLATGFYPDHVELSWWVN
GKEVHSGVCTDPQPLKEQPALNDSRYALSSRLRVSATFWQDPRNHFRCQVQFYGLSENDEWTQDRAKPVTQIVSAEAWGR
A
;
E
#
# COMPACT_ATOMS: atom_id res chain seq x y z
N SER A 1 -26.23 10.24 13.83
CA SER A 1 -27.15 9.12 14.00
C SER A 1 -26.40 7.78 14.05
N HIS A 2 -25.24 7.69 13.39
CA HIS A 2 -24.42 6.49 13.43
C HIS A 2 -22.95 6.87 13.39
N SER A 3 -22.12 5.96 13.90
CA SER A 3 -20.69 6.21 14.01
C SER A 3 -19.91 4.92 13.84
N MET A 4 -18.69 5.06 13.34
CA MET A 4 -17.71 3.98 13.32
C MET A 4 -16.45 4.49 13.98
N ARG A 5 -15.84 3.67 14.84
CA ARG A 5 -14.69 4.06 15.62
C ARG A 5 -13.72 2.89 15.73
N TYR A 6 -12.43 3.20 15.63
CA TYR A 6 -11.38 2.25 15.95
C TYR A 6 -10.62 2.72 17.18
N PHE A 7 -10.36 1.79 18.10
CA PHE A 7 -9.67 2.09 19.35
C PHE A 7 -8.40 1.25 19.44
N PHE A 8 -7.26 1.89 19.66
CA PHE A 8 -5.97 1.22 19.75
C PHE A 8 -5.34 1.51 21.10
N THR A 9 -4.84 0.46 21.77
CA THR A 9 -4.13 0.59 23.03
C THR A 9 -2.79 -0.12 22.92
N SER A 10 -1.71 0.60 23.22
CA SER A 10 -0.37 0.05 23.25
C SER A 10 0.21 0.23 24.65
N VAL A 11 0.81 -0.83 25.20
CA VAL A 11 1.31 -0.82 26.57
C VAL A 11 2.71 -1.42 26.61
N SER A 12 3.68 -0.67 27.13
CA SER A 12 5.00 -1.22 27.38
C SER A 12 4.99 -1.99 28.69
N ARG A 13 5.70 -3.12 28.71
CA ARG A 13 5.69 -4.01 29.88
C ARG A 13 7.13 -4.42 30.21
N PRO A 14 7.97 -3.45 30.59
CA PRO A 14 9.41 -3.72 30.70
C PRO A 14 9.77 -4.82 31.69
N GLY A 15 9.05 -4.93 32.80
CA GLY A 15 9.34 -6.00 33.73
C GLY A 15 8.83 -7.36 33.33
N ARG A 16 7.93 -7.43 32.35
CA ARG A 16 7.22 -8.67 32.04
C ARG A 16 7.55 -9.24 30.67
N GLY A 17 7.74 -8.40 29.66
CA GLY A 17 8.09 -8.94 28.36
C GLY A 17 7.82 -7.91 27.26
N GLU A 18 7.43 -8.43 26.11
CA GLU A 18 7.18 -7.57 24.97
C GLU A 18 5.95 -6.70 25.20
N PRO A 19 5.83 -5.58 24.46
CA PRO A 19 4.65 -4.73 24.61
C PRO A 19 3.37 -5.44 24.19
N ARG A 20 2.24 -4.90 24.65
CA ARG A 20 0.94 -5.40 24.27
C ARG A 20 0.23 -4.37 23.40
N PHE A 21 -0.50 -4.86 22.39
CA PHE A 21 -1.27 -4.01 21.49
C PHE A 21 -2.65 -4.62 21.28
N ILE A 22 -3.69 -3.82 21.46
CA ILE A 22 -5.08 -4.27 21.30
C ILE A 22 -5.81 -3.26 20.43
N ALA A 23 -6.50 -3.75 19.41
CA ALA A 23 -7.33 -2.92 18.54
C ALA A 23 -8.75 -3.48 18.54
N VAL A 24 -9.72 -2.58 18.67
CA VAL A 24 -11.12 -2.96 18.54
C VAL A 24 -11.82 -1.96 17.62
N GLY A 25 -12.78 -2.45 16.87
CA GLY A 25 -13.60 -1.61 16.00
C GLY A 25 -15.06 -1.69 16.40
N TYR A 26 -15.73 -0.53 16.41
CA TYR A 26 -17.12 -0.41 16.78
C TYR A 26 -17.91 0.27 15.67
N VAL A 27 -19.14 -0.17 15.47
CA VAL A 27 -20.17 0.63 14.83
C VAL A 27 -21.20 0.94 15.88
N ASP A 28 -21.41 2.22 16.15
CA ASP A 28 -22.23 2.63 17.28
C ASP A 28 -21.72 1.94 18.54
N ASP A 29 -22.58 1.22 19.25
CA ASP A 29 -22.19 0.52 20.46
C ASP A 29 -22.03 -0.99 20.24
N THR A 30 -21.71 -1.40 19.01
CA THR A 30 -21.54 -2.81 18.67
C THR A 30 -20.11 -3.01 18.17
N GLN A 31 -19.32 -3.76 18.94
CA GLN A 31 -17.99 -4.11 18.49
C GLN A 31 -18.06 -5.15 17.37
N PHE A 32 -17.23 -5.00 16.35
CA PHE A 32 -17.28 -5.93 15.23
C PHE A 32 -15.95 -6.56 14.83
N VAL A 33 -14.81 -6.00 15.24
CA VAL A 33 -13.51 -6.63 15.01
C VAL A 33 -12.63 -6.42 16.24
N ARG A 34 -11.63 -7.29 16.35
CA ARG A 34 -10.64 -7.18 17.40
C ARG A 34 -9.29 -7.70 16.89
N PHE A 35 -8.23 -7.22 17.52
CA PHE A 35 -6.90 -7.76 17.36
C PHE A 35 -6.19 -7.66 18.69
N ASP A 36 -5.64 -8.78 19.16
CA ASP A 36 -4.88 -8.82 20.42
C ASP A 36 -3.52 -9.41 20.10
N SER A 37 -2.47 -8.60 20.31
CA SER A 37 -1.12 -9.06 20.02
C SER A 37 -0.71 -10.21 20.93
N ASP A 38 -1.38 -10.40 22.07
CA ASP A 38 -1.05 -11.49 22.96
C ASP A 38 -1.73 -12.81 22.58
N ALA A 39 -2.71 -12.77 21.66
CA ALA A 39 -3.42 -13.99 21.29
C ALA A 39 -2.61 -14.80 20.29
N ALA A 40 -3.08 -16.02 20.03
CA ALA A 40 -2.30 -16.95 19.21
C ALA A 40 -2.51 -16.73 17.72
N SER A 41 -3.71 -16.32 17.30
CA SER A 41 -4.01 -16.27 15.87
C SER A 41 -3.15 -15.22 15.16
N GLN A 42 -2.87 -14.09 15.82
CA GLN A 42 -2.13 -12.98 15.22
C GLN A 42 -2.85 -12.44 13.98
N ARG A 43 -4.18 -12.44 14.02
CA ARG A 43 -4.99 -11.93 12.92
C ARG A 43 -6.12 -11.08 13.47
N MET A 44 -6.57 -10.12 12.65
CA MET A 44 -7.82 -9.42 12.97
C MET A 44 -8.98 -10.42 12.92
N GLU A 45 -9.88 -10.32 13.88
CA GLU A 45 -10.91 -11.34 14.00
C GLU A 45 -12.29 -10.72 14.08
N PRO A 46 -13.31 -11.41 13.58
CA PRO A 46 -14.67 -10.90 13.64
C PRO A 46 -15.28 -11.05 15.02
N ARG A 47 -16.12 -10.08 15.39
CA ARG A 47 -16.84 -10.11 16.65
C ARG A 47 -18.32 -9.79 16.48
N ALA A 48 -18.80 -9.62 15.27
CA ALA A 48 -20.21 -9.45 14.97
C ALA A 48 -20.57 -10.37 13.82
N PRO A 49 -21.78 -10.94 13.82
CA PRO A 49 -22.13 -11.89 12.74
C PRO A 49 -22.20 -11.25 11.36
N TRP A 50 -22.43 -9.95 11.25
CA TRP A 50 -22.56 -9.33 9.94
C TRP A 50 -21.22 -9.04 9.28
N ILE A 51 -20.13 -8.96 10.04
CA ILE A 51 -18.83 -8.75 9.42
C ILE A 51 -18.23 -10.04 8.89
N GLU A 52 -18.75 -11.19 9.29
CA GLU A 52 -18.17 -12.47 8.88
C GLU A 52 -18.31 -12.71 7.38
N GLN A 53 -19.21 -12.00 6.70
CA GLN A 53 -19.36 -12.20 5.26
C GLN A 53 -18.25 -11.54 4.45
N GLU A 54 -17.42 -10.71 5.07
CA GLU A 54 -16.30 -10.11 4.34
C GLU A 54 -15.30 -11.20 3.93
N GLY A 55 -14.74 -11.07 2.72
CA GLY A 55 -13.91 -12.09 2.16
C GLY A 55 -12.50 -12.09 2.73
N PRO A 56 -11.69 -13.06 2.27
CA PRO A 56 -10.33 -13.18 2.81
C PRO A 56 -9.44 -11.99 2.48
N GLU A 57 -9.69 -11.27 1.39
CA GLU A 57 -8.90 -10.07 1.12
C GLU A 57 -9.15 -8.99 2.17
N TYR A 58 -10.36 -8.93 2.72
CA TYR A 58 -10.65 -7.98 3.78
C TYR A 58 -9.86 -8.33 5.04
N TRP A 59 -9.88 -9.60 5.43
CA TRP A 59 -9.23 -10.00 6.67
C TRP A 59 -7.71 -9.94 6.54
N ASP A 60 -7.18 -10.33 5.38
CA ASP A 60 -5.74 -10.20 5.16
C ASP A 60 -5.32 -8.74 5.23
N GLY A 61 -6.08 -7.85 4.59
CA GLY A 61 -5.71 -6.44 4.58
C GLY A 61 -5.74 -5.82 5.97
N GLU A 62 -6.83 -6.04 6.71
CA GLU A 62 -6.91 -5.48 8.06
C GLU A 62 -5.84 -6.07 8.96
N THR A 63 -5.50 -7.35 8.76
CA THR A 63 -4.42 -7.95 9.54
C THR A 63 -3.09 -7.29 9.23
N ARG A 64 -2.80 -7.04 7.95
CA ARG A 64 -1.54 -6.38 7.60
C ARG A 64 -1.44 -5.00 8.26
N LYS A 65 -2.52 -4.21 8.22
CA LYS A 65 -2.49 -2.89 8.81
C LYS A 65 -2.25 -2.97 10.32
N VAL A 66 -3.05 -3.77 11.01
CA VAL A 66 -3.00 -3.78 12.47
C VAL A 66 -1.67 -4.36 12.96
N LYS A 67 -1.08 -5.27 12.20
CA LYS A 67 0.24 -5.79 12.56
C LYS A 67 1.31 -4.71 12.42
N ALA A 68 1.21 -3.89 11.38
CA ALA A 68 2.14 -2.77 11.24
C ALA A 68 1.97 -1.80 12.41
N HIS A 69 0.72 -1.44 12.73
CA HIS A 69 0.47 -0.52 13.85
C HIS A 69 1.09 -1.05 15.14
N SER A 70 1.00 -2.36 15.37
CA SER A 70 1.55 -2.94 16.58
C SER A 70 3.04 -2.66 16.68
N GLN A 71 3.78 -2.93 15.59
CA GLN A 71 5.20 -2.65 15.57
C GLN A 71 5.49 -1.17 15.75
N THR A 72 4.76 -0.31 15.05
CA THR A 72 5.04 1.12 15.07
C THR A 72 4.78 1.72 16.44
N HIS A 73 3.76 1.23 17.16
CA HIS A 73 3.51 1.77 18.49
C HIS A 73 4.63 1.44 19.48
N ARG A 74 5.38 0.35 19.23
CA ARG A 74 6.56 0.08 20.05
C ARG A 74 7.58 1.21 19.92
N VAL A 75 7.81 1.68 18.69
CA VAL A 75 8.68 2.83 18.46
C VAL A 75 8.12 4.06 19.17
N ASP A 76 6.81 4.30 19.04
CA ASP A 76 6.20 5.45 19.70
C ASP A 76 6.44 5.44 21.19
N LEU A 77 6.25 4.28 21.83
CA LEU A 77 6.49 4.19 23.27
C LEU A 77 7.91 4.60 23.63
N GLY A 78 8.88 4.16 22.83
CA GLY A 78 10.26 4.56 23.08
C GLY A 78 10.50 6.04 22.83
N THR A 79 9.86 6.58 21.78
CA THR A 79 10.04 8.00 21.47
C THR A 79 9.47 8.88 22.59
N LEU A 80 8.24 8.58 23.03
CA LEU A 80 7.60 9.37 24.07
C LEU A 80 8.34 9.24 25.40
N ARG A 81 8.87 8.06 25.70
CA ARG A 81 9.70 7.90 26.90
C ARG A 81 10.89 8.84 26.84
N GLY A 82 11.48 9.00 25.66
CA GLY A 82 12.57 9.97 25.53
C GLY A 82 12.11 11.40 25.70
N TYR A 83 10.99 11.77 25.06
CA TYR A 83 10.49 13.14 25.16
C TYR A 83 10.29 13.55 26.61
N TYR A 84 9.79 12.64 27.44
CA TYR A 84 9.46 12.96 28.83
C TYR A 84 10.50 12.46 29.82
N ASN A 85 11.69 12.07 29.35
CA ASN A 85 12.83 11.74 30.21
C ASN A 85 12.47 10.66 31.23
N GLN A 86 11.65 9.72 30.81
CA GLN A 86 11.17 8.67 31.71
C GLN A 86 12.10 7.46 31.66
N SER A 87 12.13 6.71 32.76
CA SER A 87 13.02 5.57 32.85
C SER A 87 12.48 4.40 32.05
N GLU A 88 13.36 3.42 31.80
CA GLU A 88 12.99 2.22 31.07
C GLU A 88 12.25 1.22 31.93
N ALA A 89 12.17 1.44 33.24
CA ALA A 89 11.57 0.44 34.13
C ALA A 89 10.06 0.57 34.24
N GLY A 90 9.47 1.71 33.87
CA GLY A 90 8.05 1.93 34.06
C GLY A 90 7.20 1.50 32.88
N SER A 91 5.99 1.07 33.17
CA SER A 91 5.00 0.73 32.16
C SER A 91 4.26 1.99 31.72
N HIS A 92 4.15 2.19 30.41
CA HIS A 92 3.46 3.36 29.86
C HIS A 92 2.50 2.92 28.76
N THR A 93 1.54 3.80 28.46
CA THR A 93 0.42 3.49 27.58
C THR A 93 0.29 4.57 26.51
N VAL A 94 0.10 4.13 25.26
CA VAL A 94 -0.30 5.01 24.17
C VAL A 94 -1.66 4.54 23.69
N GLN A 95 -2.59 5.48 23.52
CA GLN A 95 -3.92 5.15 23.01
C GLN A 95 -4.22 6.02 21.80
N ARG A 96 -4.91 5.42 20.83
CA ARG A 96 -5.30 6.10 19.61
C ARG A 96 -6.76 5.76 19.32
N MET A 97 -7.51 6.76 18.86
CA MET A 97 -8.90 6.57 18.48
C MET A 97 -9.14 7.38 17.21
N TYR A 98 -9.89 6.82 16.28
CA TYR A 98 -10.31 7.60 15.11
C TYR A 98 -11.60 7.02 14.55
N GLY A 99 -12.27 7.82 13.73
CA GLY A 99 -13.51 7.39 13.12
C GLY A 99 -14.32 8.57 12.64
N CYS A 100 -15.58 8.26 12.28
CA CYS A 100 -16.45 9.21 11.62
C CYS A 100 -17.89 9.05 12.10
N ASP A 101 -18.64 10.14 12.06
CA ASP A 101 -20.07 10.14 12.32
C ASP A 101 -20.83 10.47 11.04
N VAL A 102 -21.97 9.82 10.85
CA VAL A 102 -22.89 10.19 9.78
C VAL A 102 -24.21 10.60 10.42
N GLY A 103 -24.96 11.45 9.73
CA GLY A 103 -26.25 11.87 10.19
C GLY A 103 -27.33 10.85 9.87
N SER A 104 -28.57 11.26 10.11
CA SER A 104 -29.72 10.40 9.83
C SER A 104 -29.82 10.05 8.36
N ASP A 105 -29.26 10.88 7.48
CA ASP A 105 -29.20 10.60 6.05
C ASP A 105 -27.96 9.81 5.66
N TRP A 106 -27.19 9.33 6.64
CA TRP A 106 -25.94 8.59 6.44
C TRP A 106 -24.88 9.39 5.68
N ARG A 107 -24.95 10.71 5.72
CA ARG A 107 -23.91 11.54 5.12
C ARG A 107 -22.93 12.01 6.18
N PHE A 108 -21.69 12.29 5.74
CA PHE A 108 -20.63 12.68 6.66
C PHE A 108 -21.05 13.84 7.55
N LEU A 109 -20.78 13.69 8.85
CA LEU A 109 -21.09 14.71 9.84
C LEU A 109 -19.86 15.27 10.52
N ARG A 110 -18.94 14.41 10.99
CA ARG A 110 -17.66 14.88 11.52
C ARG A 110 -16.71 13.69 11.64
N GLY A 111 -15.42 14.02 11.66
CA GLY A 111 -14.39 13.01 11.81
C GLY A 111 -13.54 13.24 13.04
N TYR A 112 -12.88 12.19 13.53
CA TYR A 112 -12.11 12.23 14.76
C TYR A 112 -10.79 11.51 14.57
N HIS A 113 -9.76 12.00 15.26
CA HIS A 113 -8.47 11.32 15.29
C HIS A 113 -7.61 11.91 16.41
N GLN A 114 -7.38 11.14 17.48
CA GLN A 114 -6.70 11.65 18.66
C GLN A 114 -5.77 10.59 19.24
N TYR A 115 -4.70 11.06 19.87
CA TYR A 115 -3.75 10.22 20.59
C TYR A 115 -3.71 10.63 22.06
N ALA A 116 -3.45 9.67 22.93
CA ALA A 116 -3.23 9.96 24.34
C ALA A 116 -1.96 9.25 24.80
N TYR A 117 -1.27 9.87 25.75
CA TYR A 117 -0.11 9.26 26.38
C TYR A 117 -0.39 9.15 27.88
N ASP A 118 -0.33 7.92 28.39
CA ASP A 118 -0.60 7.65 29.81
C ASP A 118 -1.97 8.18 30.23
N GLY A 119 -2.92 8.12 29.29
CA GLY A 119 -4.29 8.48 29.58
C GLY A 119 -4.59 9.95 29.56
N LYS A 120 -3.69 10.77 29.04
CA LYS A 120 -3.90 12.20 28.90
C LYS A 120 -3.76 12.60 27.44
N ASP A 121 -4.57 13.59 27.03
CA ASP A 121 -4.50 14.08 25.66
C ASP A 121 -3.06 14.38 25.27
N TYR A 122 -2.67 13.92 24.09
CA TYR A 122 -1.37 14.23 23.52
C TYR A 122 -1.49 15.10 22.29
N ILE A 123 -2.18 14.61 21.25
CA ILE A 123 -2.39 15.37 20.03
C ILE A 123 -3.74 14.98 19.45
N ALA A 124 -4.41 15.93 18.82
CA ALA A 124 -5.74 15.67 18.27
C ALA A 124 -5.93 16.45 16.99
N LEU A 125 -6.59 15.82 16.03
CA LEU A 125 -7.00 16.50 14.81
C LEU A 125 -8.15 17.46 15.13
N LYS A 126 -8.05 18.69 14.62
CA LYS A 126 -9.11 19.66 14.85
C LYS A 126 -10.36 19.28 14.06
N GLU A 127 -11.47 19.93 14.40
CA GLU A 127 -12.75 19.59 13.79
C GLU A 127 -12.73 19.84 12.28
N ASP A 128 -12.08 20.92 11.84
CA ASP A 128 -11.98 21.20 10.41
C ASP A 128 -11.17 20.18 9.63
N LEU A 129 -10.53 19.23 10.32
CA LEU A 129 -9.76 18.15 9.71
C LEU A 129 -8.55 18.66 8.94
N ARG A 130 -8.08 19.87 9.24
CA ARG A 130 -6.95 20.46 8.52
C ARG A 130 -5.72 20.74 9.38
N SER A 131 -5.87 20.84 10.70
CA SER A 131 -4.73 21.13 11.56
C SER A 131 -4.88 20.36 12.87
N TRP A 132 -3.84 20.45 13.69
CA TRP A 132 -3.71 19.64 14.89
C TRP A 132 -3.67 20.51 16.14
N THR A 133 -4.06 19.92 17.25
CA THR A 133 -3.91 20.53 18.57
C THR A 133 -2.96 19.68 19.38
N ALA A 134 -1.84 20.27 19.79
CA ALA A 134 -0.88 19.61 20.66
C ALA A 134 -1.17 19.99 22.10
N ALA A 135 -1.26 18.99 22.97
CA ALA A 135 -1.70 19.24 24.34
C ALA A 135 -0.61 19.90 25.18
N ASP A 136 0.65 19.55 24.94
CA ASP A 136 1.76 20.20 25.63
C ASP A 136 2.85 20.54 24.61
N MET A 137 4.01 21.00 25.08
CA MET A 137 5.02 21.39 24.11
C MET A 137 5.73 20.18 23.50
N ALA A 138 5.81 19.07 24.24
CA ALA A 138 6.40 17.87 23.67
C ALA A 138 5.65 17.42 22.43
N ALA A 139 4.32 17.53 22.44
CA ALA A 139 3.51 17.10 21.30
C ALA A 139 3.66 18.03 20.11
N GLN A 140 4.17 19.24 20.31
CA GLN A 140 4.43 20.12 19.17
C GLN A 140 5.45 19.52 18.21
N THR A 141 6.42 18.77 18.73
CA THR A 141 7.36 18.07 17.86
C THR A 141 6.62 17.14 16.91
N THR A 142 5.66 16.39 17.43
CA THR A 142 4.90 15.47 16.61
C THR A 142 4.01 16.23 15.63
N LYS A 143 3.40 17.31 16.09
CA LYS A 143 2.60 18.15 15.21
C LYS A 143 3.42 18.61 14.00
N HIS A 144 4.62 19.13 14.26
CA HIS A 144 5.44 19.67 13.17
C HIS A 144 5.81 18.59 12.17
N LYS A 145 6.11 17.38 12.65
CA LYS A 145 6.44 16.30 11.72
C LYS A 145 5.24 15.90 10.89
N TRP A 146 4.05 15.83 11.50
CA TRP A 146 2.85 15.45 10.76
C TRP A 146 2.42 16.54 9.78
N GLU A 147 2.63 17.81 10.13
CA GLU A 147 2.32 18.88 9.19
C GLU A 147 3.26 18.86 8.00
N ALA A 148 4.55 18.60 8.24
CA ALA A 148 5.51 18.57 7.13
C ALA A 148 5.24 17.41 6.20
N ALA A 149 4.61 16.34 6.69
CA ALA A 149 4.28 15.17 5.88
C ALA A 149 2.87 15.22 5.30
N HIS A 150 2.12 16.30 5.55
CA HIS A 150 0.76 16.45 5.03
C HIS A 150 -0.14 15.29 5.46
N VAL A 151 0.00 14.87 6.71
CA VAL A 151 -0.81 13.76 7.22
C VAL A 151 -2.29 14.11 7.18
N ALA A 152 -2.63 15.36 7.55
CA ALA A 152 -4.03 15.74 7.69
C ALA A 152 -4.80 15.60 6.39
N GLU A 153 -4.15 15.89 5.27
CA GLU A 153 -4.82 15.80 3.97
C GLU A 153 -5.24 14.37 3.67
N GLN A 154 -4.32 13.40 3.86
CA GLN A 154 -4.67 12.01 3.63
C GLN A 154 -5.70 11.54 4.65
N LEU A 155 -5.57 11.99 5.90
CA LEU A 155 -6.51 11.58 6.93
C LEU A 155 -7.92 12.10 6.66
N ARG A 156 -8.02 13.37 6.24
CA ARG A 156 -9.32 13.93 5.91
C ARG A 156 -10.00 13.16 4.79
N ALA A 157 -9.20 12.73 3.79
CA ALA A 157 -9.77 11.93 2.71
C ALA A 157 -10.34 10.63 3.23
N TYR A 158 -9.65 10.00 4.19
CA TYR A 158 -10.19 8.79 4.79
C TYR A 158 -11.48 9.07 5.56
N LEU A 159 -11.46 10.07 6.44
CA LEU A 159 -12.58 10.30 7.34
C LEU A 159 -13.84 10.69 6.58
N GLU A 160 -13.69 11.50 5.54
CA GLU A 160 -14.82 11.91 4.71
C GLU A 160 -15.13 10.93 3.60
N GLY A 161 -14.22 10.02 3.28
CA GLY A 161 -14.43 9.10 2.18
C GLY A 161 -14.59 7.66 2.61
N THR A 162 -13.47 6.95 2.78
CA THR A 162 -13.52 5.51 3.05
C THR A 162 -14.30 5.22 4.32
N CYS A 163 -14.02 5.97 5.39
CA CYS A 163 -14.71 5.74 6.67
C CYS A 163 -16.22 5.75 6.50
N VAL A 164 -16.74 6.80 5.86
CA VAL A 164 -18.18 6.94 5.67
C VAL A 164 -18.73 5.80 4.80
N GLU A 165 -18.04 5.49 3.70
CA GLU A 165 -18.54 4.50 2.76
C GLU A 165 -18.64 3.13 3.42
N TRP A 166 -17.61 2.72 4.16
CA TRP A 166 -17.65 1.40 4.77
C TRP A 166 -18.60 1.36 5.96
N LEU A 167 -18.79 2.50 6.63
CA LEU A 167 -19.83 2.57 7.66
C LEU A 167 -21.20 2.31 7.07
N ARG A 168 -21.50 2.91 5.91
CA ARG A 168 -22.77 2.63 5.23
C ARG A 168 -22.90 1.15 4.89
N ARG A 169 -21.83 0.57 4.34
CA ARG A 169 -21.83 -0.85 4.02
C ARG A 169 -22.17 -1.70 5.25
N TYR A 170 -21.51 -1.42 6.37
CA TYR A 170 -21.79 -2.18 7.59
C TYR A 170 -23.23 -1.99 8.04
N LEU A 171 -23.75 -0.76 7.95
CA LEU A 171 -25.11 -0.49 8.39
C LEU A 171 -26.13 -1.28 7.58
N GLU A 172 -25.89 -1.44 6.28
CA GLU A 172 -26.78 -2.24 5.44
C GLU A 172 -26.60 -3.72 5.71
N ASN A 173 -25.34 -4.18 5.75
CA ASN A 173 -25.11 -5.62 5.94
C ASN A 173 -25.60 -6.10 7.30
N GLY A 174 -25.51 -5.27 8.32
CA GLY A 174 -25.97 -5.66 9.64
C GLY A 174 -27.18 -4.88 10.11
N LYS A 175 -28.11 -4.60 9.20
CA LYS A 175 -29.23 -3.73 9.55
C LYS A 175 -30.10 -4.31 10.64
N GLU A 176 -30.23 -5.64 10.71
CA GLU A 176 -31.04 -6.25 11.76
C GLU A 176 -30.43 -6.05 13.13
N THR A 177 -29.13 -5.80 13.22
CA THR A 177 -28.46 -5.52 14.48
C THR A 177 -28.23 -4.03 14.70
N LEU A 178 -27.72 -3.33 13.69
CA LEU A 178 -27.23 -1.97 13.86
C LEU A 178 -28.33 -0.92 13.72
N GLN A 179 -29.38 -1.21 12.96
CA GLN A 179 -30.45 -0.25 12.78
C GLN A 179 -31.64 -0.51 13.70
N ARG A 180 -31.51 -1.43 14.64
CA ARG A 180 -32.58 -1.69 15.58
C ARG A 180 -32.59 -0.64 16.68
N THR A 181 -33.71 -0.58 17.41
CA THR A 181 -33.82 0.32 18.56
C THR A 181 -34.67 -0.40 19.61
N ASP A 182 -34.02 -0.99 20.60
CA ASP A 182 -34.70 -1.67 21.69
C ASP A 182 -35.05 -0.65 22.76
N ALA A 183 -36.34 -0.55 23.11
CA ALA A 183 -36.81 0.42 24.08
C ALA A 183 -36.48 -0.04 25.50
N PRO A 184 -36.14 0.88 26.40
CA PRO A 184 -35.86 0.50 27.78
C PRO A 184 -37.06 -0.18 28.43
N LYS A 185 -36.78 -1.21 29.22
CA LYS A 185 -37.74 -1.77 30.17
C LYS A 185 -37.46 -1.09 31.50
N THR A 186 -38.41 -0.31 31.98
CA THR A 186 -38.23 0.53 33.16
C THR A 186 -39.08 0.02 34.31
N HIS A 187 -38.52 0.04 35.52
CA HIS A 187 -39.27 -0.23 36.74
C HIS A 187 -38.55 0.48 37.88
N MET A 188 -39.22 0.52 39.03
CA MET A 188 -38.71 1.25 40.18
C MET A 188 -38.72 0.34 41.40
N THR A 189 -37.69 0.47 42.24
CA THR A 189 -37.56 -0.30 43.46
C THR A 189 -37.43 0.65 44.65
N HIS A 190 -37.99 0.21 45.78
CA HIS A 190 -37.95 0.96 47.03
C HIS A 190 -37.30 0.08 48.10
N HIS A 191 -36.35 0.66 48.84
CA HIS A 191 -35.69 -0.06 49.91
C HIS A 191 -35.51 0.86 51.11
N ALA A 192 -35.91 0.38 52.29
CA ALA A 192 -35.82 1.18 53.50
C ALA A 192 -34.37 1.29 53.96
N VAL A 193 -33.95 2.50 54.29
CA VAL A 193 -32.59 2.75 54.77
C VAL A 193 -32.61 2.86 56.29
N SER A 194 -33.30 3.87 56.80
CA SER A 194 -33.45 4.09 58.23
C SER A 194 -34.95 4.12 58.57
N ASP A 195 -35.24 4.45 59.83
CA ASP A 195 -36.64 4.57 60.25
C ASP A 195 -37.33 5.76 59.62
N HIS A 196 -36.57 6.77 59.20
CA HIS A 196 -37.14 7.98 58.61
C HIS A 196 -36.33 8.39 57.38
N GLU A 197 -35.94 7.42 56.55
CA GLU A 197 -35.19 7.67 55.33
C GLU A 197 -35.28 6.43 54.44
N ALA A 198 -35.37 6.66 53.14
CA ALA A 198 -35.48 5.57 52.17
C ALA A 198 -34.80 5.97 50.87
N THR A 199 -34.77 5.05 49.92
CA THR A 199 -34.13 5.28 48.64
C THR A 199 -34.97 4.67 47.52
N LEU A 200 -35.19 5.44 46.46
CA LEU A 200 -35.92 5.01 45.28
C LEU A 200 -34.95 4.86 44.13
N ARG A 201 -34.96 3.71 43.47
CA ARG A 201 -34.06 3.42 42.36
C ARG A 201 -34.85 3.27 41.07
N CYS A 202 -34.52 4.08 40.08
CA CYS A 202 -35.17 4.09 38.78
C CYS A 202 -34.33 3.25 37.82
N TRP A 203 -34.86 2.11 37.39
CA TRP A 203 -34.13 1.18 36.54
C TRP A 203 -34.44 1.40 35.06
N ALA A 204 -33.55 0.89 34.23
CA ALA A 204 -33.76 0.87 32.78
C ALA A 204 -32.93 -0.27 32.21
N LEU A 205 -33.59 -1.24 31.58
CA LEU A 205 -32.94 -2.47 31.18
C LEU A 205 -33.22 -2.80 29.73
N SER A 206 -32.29 -3.56 29.12
CA SER A 206 -32.46 -4.15 27.78
C SER A 206 -32.73 -3.10 26.71
N PHE A 207 -31.93 -2.03 26.71
CA PHE A 207 -32.08 -1.00 25.70
C PHE A 207 -30.84 -0.92 24.82
N TYR A 208 -31.05 -0.45 23.60
CA TYR A 208 -29.99 -0.20 22.63
C TYR A 208 -30.45 0.94 21.73
N PRO A 209 -29.55 1.88 21.40
CA PRO A 209 -28.15 1.95 21.81
C PRO A 209 -27.96 2.41 23.26
N ALA A 210 -26.69 2.58 23.66
CA ALA A 210 -26.36 2.86 25.04
C ALA A 210 -26.76 4.27 25.47
N GLU A 211 -26.91 5.20 24.52
CA GLU A 211 -27.26 6.57 24.85
C GLU A 211 -28.61 6.62 25.56
N ILE A 212 -28.62 7.17 26.77
CA ILE A 212 -29.84 7.27 27.57
C ILE A 212 -29.62 8.33 28.63
N THR A 213 -30.71 8.93 29.09
CA THR A 213 -30.64 9.93 30.15
C THR A 213 -31.70 9.61 31.20
N LEU A 214 -31.28 9.58 32.46
CA LEU A 214 -32.16 9.32 33.60
C LEU A 214 -32.05 10.50 34.55
N THR A 215 -33.18 11.15 34.81
CA THR A 215 -33.22 12.33 35.68
C THR A 215 -34.36 12.21 36.65
N TRP A 216 -34.11 12.56 37.91
CA TRP A 216 -35.12 12.54 38.94
C TRP A 216 -35.77 13.91 39.08
N GLN A 217 -37.06 13.90 39.41
CA GLN A 217 -37.87 15.12 39.45
C GLN A 217 -38.75 15.06 40.69
N ARG A 218 -38.40 15.83 41.71
CA ARG A 218 -39.39 16.11 42.76
C ARG A 218 -40.41 17.12 42.26
N ASP A 219 -39.92 18.20 41.66
CA ASP A 219 -40.70 19.11 40.81
C ASP A 219 -39.81 20.20 40.24
N THR A 224 -33.04 17.64 40.57
CA THR A 224 -32.24 17.32 41.75
C THR A 224 -30.85 16.85 41.37
N GLN A 225 -29.84 17.68 41.63
CA GLN A 225 -28.45 17.33 41.35
C GLN A 225 -27.71 16.96 42.64
N ASP A 226 -28.24 15.93 43.29
CA ASP A 226 -27.67 15.39 44.52
C ASP A 226 -28.02 13.92 44.61
N THR A 227 -27.73 13.17 43.55
CA THR A 227 -28.20 11.79 43.42
C THR A 227 -27.06 10.92 42.89
N GLU A 228 -27.31 9.61 42.87
CA GLU A 228 -26.34 8.63 42.41
C GLU A 228 -26.74 8.15 41.02
N LEU A 229 -25.78 8.12 40.10
CA LEU A 229 -26.01 7.73 38.72
C LEU A 229 -24.87 6.83 38.29
N VAL A 230 -25.12 5.53 38.17
CA VAL A 230 -24.05 4.61 37.79
C VAL A 230 -23.86 4.63 36.27
N GLU A 231 -22.66 4.27 35.85
CA GLU A 231 -22.34 4.21 34.43
C GLU A 231 -23.23 3.22 33.71
N THR A 232 -23.60 3.56 32.48
CA THR A 232 -24.31 2.62 31.62
C THR A 232 -23.47 1.37 31.44
N ARG A 233 -24.08 0.21 31.65
CA ARG A 233 -23.33 -1.03 31.66
C ARG A 233 -23.92 -2.04 30.67
N PRO A 234 -23.08 -2.87 30.05
CA PRO A 234 -23.60 -3.84 29.08
C PRO A 234 -24.20 -5.06 29.79
N ALA A 235 -25.37 -5.50 29.30
CA ALA A 235 -25.96 -6.71 29.84
C ALA A 235 -25.19 -7.95 29.41
N GLY A 236 -24.51 -7.88 28.28
CA GLY A 236 -23.78 -9.02 27.73
C GLY A 236 -24.41 -9.61 26.49
N ASP A 237 -25.65 -9.25 26.18
CA ASP A 237 -26.35 -9.73 24.99
C ASP A 237 -26.56 -8.62 23.97
N GLY A 238 -25.76 -7.55 24.03
CA GLY A 238 -25.88 -6.47 23.08
C GLY A 238 -26.82 -5.36 23.48
N THR A 239 -27.42 -5.42 24.67
CA THR A 239 -28.21 -4.33 25.22
C THR A 239 -27.51 -3.77 26.46
N PHE A 240 -28.10 -2.73 27.04
CA PHE A 240 -27.45 -1.99 28.12
C PHE A 240 -28.42 -1.77 29.26
N GLN A 241 -27.84 -1.43 30.43
CA GLN A 241 -28.60 -1.19 31.65
C GLN A 241 -28.06 0.06 32.32
N LYS A 242 -28.93 0.73 33.09
CA LYS A 242 -28.53 1.90 33.85
C LYS A 242 -29.59 2.15 34.91
N TRP A 243 -29.18 2.73 36.04
CA TRP A 243 -30.13 3.16 37.05
C TRP A 243 -29.67 4.46 37.71
N ALA A 244 -30.61 5.08 38.42
CA ALA A 244 -30.38 6.29 39.18
C ALA A 244 -31.20 6.21 40.45
N ALA A 245 -30.71 6.83 41.52
CA ALA A 245 -31.34 6.71 42.83
C ALA A 245 -31.38 8.04 43.55
N VAL A 246 -32.43 8.22 44.35
CA VAL A 246 -32.59 9.39 45.21
C VAL A 246 -32.63 8.92 46.66
N VAL A 247 -32.05 9.72 47.55
CA VAL A 247 -32.14 9.49 48.98
C VAL A 247 -33.26 10.38 49.50
N VAL A 248 -34.46 9.83 49.55
CA VAL A 248 -35.63 10.62 49.93
C VAL A 248 -35.55 10.95 51.42
N PRO A 249 -36.00 12.14 51.84
CA PRO A 249 -35.81 12.52 53.24
C PRO A 249 -36.72 11.78 54.20
N SER A 250 -37.98 11.56 53.85
CA SER A 250 -38.95 10.98 54.75
C SER A 250 -39.39 9.61 54.24
N GLY A 251 -39.96 8.83 55.16
CA GLY A 251 -40.46 7.51 54.81
C GLY A 251 -41.69 7.53 53.92
N GLN A 252 -42.40 8.66 53.86
CA GLN A 252 -43.57 8.79 53.00
C GLN A 252 -43.58 10.04 52.14
N GLU A 253 -42.82 11.07 52.49
CA GLU A 253 -42.65 12.25 51.63
C GLU A 253 -41.71 11.83 50.49
N GLN A 254 -42.29 11.17 49.49
CA GLN A 254 -41.52 10.57 48.41
C GLN A 254 -42.17 10.85 47.06
N ARG A 255 -42.69 12.06 46.88
CA ARG A 255 -43.33 12.42 45.61
C ARG A 255 -42.29 12.92 44.62
N TYR A 256 -41.41 12.00 44.24
CA TYR A 256 -40.43 12.18 43.19
C TYR A 256 -40.86 11.39 41.96
N THR A 257 -40.24 11.69 40.83
CA THR A 257 -40.48 10.92 39.61
C THR A 257 -39.24 11.00 38.73
N CYS A 258 -38.96 9.91 38.03
CA CYS A 258 -37.81 9.84 37.14
C CYS A 258 -38.27 9.79 35.69
N HIS A 259 -37.55 10.52 34.84
CA HIS A 259 -37.86 10.61 33.42
C HIS A 259 -36.78 9.89 32.63
N VAL A 260 -37.21 9.08 31.67
CA VAL A 260 -36.32 8.21 30.90
C VAL A 260 -36.41 8.64 29.44
N GLN A 261 -35.32 9.16 28.90
CA GLN A 261 -35.25 9.60 27.51
C GLN A 261 -34.34 8.65 26.73
N HIS A 262 -34.86 8.16 25.60
CA HIS A 262 -34.16 7.19 24.77
C HIS A 262 -34.84 7.18 23.40
N GLU A 263 -34.04 7.04 22.34
CA GLU A 263 -34.61 7.12 21.00
C GLU A 263 -35.59 6.00 20.71
N GLY A 264 -35.56 4.91 21.47
CA GLY A 264 -36.57 3.88 21.36
C GLY A 264 -37.91 4.25 21.98
N LEU A 265 -38.00 5.42 22.61
CA LEU A 265 -39.24 5.87 23.24
C LEU A 265 -39.77 7.08 22.49
N PRO A 266 -40.99 7.02 21.94
CA PRO A 266 -41.53 8.21 21.27
C PRO A 266 -41.61 9.41 22.18
N LYS A 267 -42.02 9.22 23.44
CA LYS A 267 -42.09 10.27 24.42
C LYS A 267 -41.41 9.81 25.70
N PRO A 268 -40.73 10.71 26.40
CA PRO A 268 -39.98 10.30 27.61
C PRO A 268 -40.90 9.68 28.66
N LEU A 269 -40.45 8.54 29.18
CA LEU A 269 -41.24 7.82 30.17
C LEU A 269 -41.25 8.57 31.50
N THR A 270 -42.30 8.29 32.29
CA THR A 270 -42.45 8.85 33.63
C THR A 270 -42.81 7.71 34.57
N LEU A 271 -42.03 7.57 35.65
CA LEU A 271 -42.19 6.48 36.59
C LEU A 271 -42.43 7.03 38.00
N ARG A 272 -43.34 6.39 38.73
CA ARG A 272 -43.62 6.74 40.11
C ARG A 272 -43.81 5.47 40.92
N TRP A 273 -43.60 5.58 42.23
CA TRP A 273 -43.71 4.44 43.12
C TRP A 273 -45.17 4.14 43.47
N MET B 1 2.35 10.40 36.45
CA MET B 1 1.23 9.72 35.81
C MET B 1 0.01 9.74 36.71
N ILE B 2 -1.15 10.00 36.12
CA ILE B 2 -2.40 10.13 36.86
C ILE B 2 -3.21 8.86 36.66
N GLN B 3 -3.45 8.14 37.75
CA GLN B 3 -4.18 6.89 37.72
C GLN B 3 -5.67 7.14 37.92
N ARG B 4 -6.48 6.20 37.48
CA ARG B 4 -7.92 6.22 37.69
C ARG B 4 -8.34 4.90 38.33
N THR B 5 -9.09 4.98 39.38
CA THR B 5 -9.43 3.72 40.04
C THR B 5 -10.72 3.14 39.45
N PRO B 6 -10.85 1.81 39.37
CA PRO B 6 -12.00 1.23 38.67
C PRO B 6 -13.30 1.39 39.44
N LYS B 7 -14.36 1.67 38.71
CA LYS B 7 -15.73 1.54 39.23
C LYS B 7 -16.23 0.14 38.90
N ILE B 8 -16.84 -0.51 39.88
CA ILE B 8 -17.13 -1.95 39.80
C ILE B 8 -18.62 -2.16 40.00
N GLN B 9 -19.26 -2.84 39.05
CA GLN B 9 -20.65 -3.22 39.16
C GLN B 9 -20.77 -4.72 38.97
N VAL B 10 -21.50 -5.38 39.86
CA VAL B 10 -21.78 -6.80 39.78
C VAL B 10 -23.28 -6.98 39.64
N TYR B 11 -23.69 -7.74 38.62
CA TYR B 11 -25.10 -7.82 38.27
C TYR B 11 -25.32 -8.99 37.34
N SER B 12 -26.59 -9.34 37.14
CA SER B 12 -26.97 -10.39 36.21
C SER B 12 -27.40 -9.79 34.88
N ARG B 13 -27.23 -10.58 33.81
CA ARG B 13 -27.70 -10.15 32.49
C ARG B 13 -29.20 -9.98 32.47
N HIS B 14 -29.92 -10.95 33.03
CA HIS B 14 -31.38 -10.97 33.08
C HIS B 14 -31.85 -10.87 34.53
N PRO B 15 -33.10 -10.51 34.75
CA PRO B 15 -33.65 -10.51 36.11
C PRO B 15 -33.46 -11.87 36.78
N ALA B 16 -32.83 -11.86 37.95
CA ALA B 16 -32.46 -13.09 38.64
C ALA B 16 -33.69 -13.88 39.07
N GLU B 17 -33.71 -15.16 38.70
CA GLU B 17 -34.77 -16.08 39.08
C GLU B 17 -34.11 -17.35 39.58
N ASN B 18 -34.44 -17.76 40.81
CA ASN B 18 -33.84 -18.95 41.38
C ASN B 18 -34.16 -20.17 40.53
N GLY B 19 -33.12 -20.92 40.17
CA GLY B 19 -33.28 -22.11 39.37
C GLY B 19 -33.25 -21.92 37.87
N LYS B 20 -33.06 -20.69 37.40
CA LYS B 20 -33.10 -20.37 35.97
C LYS B 20 -31.73 -19.88 35.51
N SER B 21 -31.25 -20.43 34.41
CA SER B 21 -29.91 -20.13 33.92
C SER B 21 -29.79 -18.65 33.56
N ASN B 22 -28.65 -18.06 33.89
CA ASN B 22 -28.44 -16.63 33.73
C ASN B 22 -26.95 -16.42 33.51
N PHE B 23 -26.54 -15.14 33.49
CA PHE B 23 -25.15 -14.77 33.36
C PHE B 23 -24.80 -13.78 34.47
N LEU B 24 -23.73 -14.06 35.18
CA LEU B 24 -23.23 -13.14 36.20
C LEU B 24 -22.16 -12.24 35.57
N ASN B 25 -22.36 -10.93 35.73
CA ASN B 25 -21.50 -9.92 35.11
C ASN B 25 -20.75 -9.15 36.17
N CYS B 26 -19.48 -8.87 35.89
CA CYS B 26 -18.70 -7.91 36.64
C CYS B 26 -18.15 -6.89 35.66
N TYR B 27 -18.69 -5.68 35.70
CA TYR B 27 -18.28 -4.59 34.82
C TYR B 27 -17.33 -3.68 35.57
N VAL B 28 -16.11 -3.53 35.05
CA VAL B 28 -15.12 -2.61 35.59
C VAL B 28 -14.86 -1.52 34.55
N SER B 29 -15.00 -0.27 34.95
CA SER B 29 -14.89 0.83 34.01
C SER B 29 -14.19 2.00 34.67
N GLY B 30 -13.83 2.99 33.84
CA GLY B 30 -13.22 4.20 34.33
C GLY B 30 -11.85 4.04 34.96
N PHE B 31 -11.09 3.01 34.61
CA PHE B 31 -9.80 2.78 35.24
C PHE B 31 -8.63 3.08 34.30
N HIS B 32 -7.47 3.27 34.90
CA HIS B 32 -6.21 3.56 34.19
C HIS B 32 -5.05 3.44 35.17
N PRO B 33 -3.99 2.68 34.81
CA PRO B 33 -3.73 2.00 33.53
C PRO B 33 -4.56 0.73 33.34
N SER B 34 -4.35 0.03 32.23
CA SER B 34 -5.25 -1.03 31.81
C SER B 34 -5.03 -2.35 32.53
N ASP B 35 -3.85 -2.56 33.11
CA ASP B 35 -3.58 -3.80 33.82
C ASP B 35 -4.53 -3.94 35.00
N ILE B 36 -5.32 -5.03 35.00
CA ILE B 36 -6.33 -5.23 36.03
C ILE B 36 -6.53 -6.72 36.23
N GLU B 37 -6.84 -7.11 37.47
CA GLU B 37 -7.08 -8.50 37.82
C GLU B 37 -8.52 -8.61 38.32
N VAL B 38 -9.32 -9.47 37.67
CA VAL B 38 -10.73 -9.63 37.97
C VAL B 38 -11.05 -11.10 38.11
N ASP B 39 -11.72 -11.47 39.21
CA ASP B 39 -12.24 -12.82 39.38
C ASP B 39 -13.69 -12.76 39.82
N LEU B 40 -14.46 -13.74 39.39
CA LEU B 40 -15.82 -13.93 39.87
C LEU B 40 -15.81 -15.01 40.93
N LEU B 41 -16.56 -14.79 42.00
CA LEU B 41 -16.55 -15.66 43.17
C LEU B 41 -17.91 -16.32 43.36
N LYS B 42 -17.89 -17.57 43.81
CA LYS B 42 -19.09 -18.29 44.20
C LYS B 42 -18.85 -18.81 45.61
N ASN B 43 -19.60 -18.28 46.58
CA ASN B 43 -19.41 -18.59 47.99
C ASN B 43 -17.94 -18.41 48.39
N GLY B 44 -17.35 -17.29 47.96
CA GLY B 44 -15.99 -16.96 48.30
C GLY B 44 -14.92 -17.64 47.48
N GLU B 45 -15.28 -18.56 46.60
CA GLU B 45 -14.29 -19.33 45.85
C GLU B 45 -14.32 -18.97 44.37
N ARG B 46 -13.13 -19.01 43.77
CA ARG B 46 -12.93 -18.56 42.40
C ARG B 46 -13.71 -19.42 41.41
N ILE B 47 -14.37 -18.76 40.46
CA ILE B 47 -14.99 -19.44 39.33
C ILE B 47 -13.99 -19.54 38.20
N GLU B 48 -13.85 -20.73 37.62
CA GLU B 48 -12.81 -20.95 36.63
C GLU B 48 -13.23 -20.50 35.23
N LYS B 49 -14.45 -20.83 34.81
CA LYS B 49 -14.86 -20.58 33.42
C LYS B 49 -15.47 -19.18 33.32
N VAL B 50 -14.59 -18.19 33.27
CA VAL B 50 -14.97 -16.79 33.21
C VAL B 50 -14.42 -16.20 31.92
N GLU B 51 -15.30 -15.56 31.14
CA GLU B 51 -14.90 -14.87 29.93
C GLU B 51 -14.83 -13.37 30.17
N HIS B 52 -14.17 -12.67 29.26
CA HIS B 52 -14.15 -11.21 29.34
C HIS B 52 -14.13 -10.63 27.93
N SER B 53 -14.53 -9.37 27.83
CA SER B 53 -14.57 -8.66 26.57
C SER B 53 -13.18 -8.11 26.23
N ASP B 54 -13.05 -7.65 24.99
CA ASP B 54 -11.80 -7.06 24.53
C ASP B 54 -11.65 -5.65 25.08
N LEU B 55 -10.42 -5.30 25.45
CA LEU B 55 -10.16 -4.02 26.10
C LEU B 55 -10.52 -2.86 25.18
N SER B 56 -11.32 -1.94 25.70
CA SER B 56 -11.62 -0.71 24.99
C SER B 56 -11.60 0.44 26.00
N PHE B 57 -11.84 1.66 25.53
CA PHE B 57 -11.78 2.81 26.42
C PHE B 57 -12.78 3.86 25.98
N SER B 58 -13.02 4.81 26.88
CA SER B 58 -14.04 5.84 26.72
C SER B 58 -13.40 7.14 26.23
N LYS B 59 -14.25 8.16 26.08
CA LYS B 59 -13.78 9.44 25.55
C LYS B 59 -12.69 10.05 26.44
N ASP B 60 -12.80 9.86 27.75
CA ASP B 60 -11.78 10.37 28.66
C ASP B 60 -10.55 9.47 28.75
N TRP B 61 -10.45 8.45 27.89
CA TRP B 61 -9.34 7.51 27.76
C TRP B 61 -9.32 6.43 28.86
N SER B 62 -10.31 6.39 29.74
CA SER B 62 -10.34 5.36 30.77
C SER B 62 -10.88 4.06 30.20
N PHE B 63 -10.34 2.95 30.68
CA PHE B 63 -10.62 1.62 30.15
C PHE B 63 -11.88 1.01 30.78
N TYR B 64 -12.46 0.04 30.07
CA TYR B 64 -13.57 -0.72 30.62
C TYR B 64 -13.54 -2.15 30.09
N LEU B 65 -13.94 -3.09 30.94
CA LEU B 65 -13.96 -4.52 30.64
C LEU B 65 -15.18 -5.16 31.27
N LEU B 66 -15.76 -6.15 30.58
CA LEU B 66 -16.85 -6.95 31.14
C LEU B 66 -16.36 -8.38 31.34
N TYR B 67 -16.44 -8.86 32.57
CA TYR B 67 -16.19 -10.25 32.89
C TYR B 67 -17.52 -10.94 33.16
N TYR B 68 -17.68 -12.14 32.63
CA TYR B 68 -18.99 -12.79 32.72
C TYR B 68 -18.84 -14.30 32.73
N THR B 69 -19.84 -14.95 33.32
CA THR B 69 -19.84 -16.40 33.46
C THR B 69 -21.29 -16.85 33.55
N GLU B 70 -21.56 -18.06 33.05
CA GLU B 70 -22.89 -18.65 33.17
C GLU B 70 -23.10 -19.15 34.59
N PHE B 71 -24.32 -18.99 35.10
CA PHE B 71 -24.64 -19.51 36.42
C PHE B 71 -26.14 -19.65 36.56
N THR B 72 -26.53 -20.44 37.56
CA THR B 72 -27.94 -20.58 37.94
C THR B 72 -28.09 -20.14 39.38
N PRO B 73 -28.67 -18.97 39.64
CA PRO B 73 -28.78 -18.48 41.02
C PRO B 73 -29.72 -19.35 41.85
N THR B 74 -29.37 -19.54 43.11
CA THR B 74 -30.21 -20.22 44.09
C THR B 74 -30.45 -19.30 45.28
N GLU B 75 -31.04 -19.87 46.34
CA GLU B 75 -31.41 -19.07 47.50
C GLU B 75 -30.18 -18.64 48.30
N LYS B 76 -29.31 -19.59 48.63
CA LYS B 76 -28.22 -19.34 49.57
C LYS B 76 -26.84 -19.28 48.92
N ASP B 77 -26.75 -19.30 47.59
CA ASP B 77 -25.47 -19.16 46.92
C ASP B 77 -25.12 -17.67 46.80
N GLU B 78 -23.97 -17.29 47.33
CA GLU B 78 -23.49 -15.92 47.27
C GLU B 78 -22.44 -15.78 46.18
N TYR B 79 -22.54 -14.71 45.39
CA TYR B 79 -21.58 -14.42 44.35
C TYR B 79 -20.98 -13.05 44.59
N ALA B 80 -19.80 -12.83 44.02
CA ALA B 80 -19.12 -11.55 44.17
C ALA B 80 -18.11 -11.41 43.05
N CYS B 81 -17.54 -10.20 42.96
CA CYS B 81 -16.46 -9.89 42.06
C CYS B 81 -15.28 -9.37 42.86
N ARG B 82 -14.09 -9.85 42.53
CA ARG B 82 -12.86 -9.49 43.24
C ARG B 82 -11.94 -8.80 42.24
N VAL B 83 -11.61 -7.54 42.52
CA VAL B 83 -10.87 -6.70 41.58
C VAL B 83 -9.58 -6.24 42.24
N ASN B 84 -8.47 -6.40 41.52
CA ASN B 84 -7.19 -5.86 41.94
C ASN B 84 -6.69 -4.91 40.85
N HIS B 85 -6.09 -3.81 41.27
CA HIS B 85 -5.63 -2.77 40.37
C HIS B 85 -4.59 -1.94 41.10
N VAL B 86 -3.70 -1.30 40.33
CA VAL B 86 -2.58 -0.61 40.95
C VAL B 86 -3.07 0.48 41.90
N THR B 87 -4.27 1.02 41.66
CA THR B 87 -4.84 2.02 42.58
C THR B 87 -5.38 1.41 43.86
N LEU B 88 -5.40 0.08 43.98
CA LEU B 88 -5.97 -0.60 45.15
C LEU B 88 -4.87 -1.29 45.92
N SER B 89 -4.75 -0.98 47.21
CA SER B 89 -3.71 -1.59 48.03
C SER B 89 -3.91 -3.09 48.18
N GLN B 90 -5.16 -3.56 48.12
CA GLN B 90 -5.48 -4.97 48.19
C GLN B 90 -6.74 -5.21 47.37
N PRO B 91 -6.99 -6.45 46.95
CA PRO B 91 -8.17 -6.71 46.10
C PRO B 91 -9.46 -6.27 46.79
N LYS B 92 -10.31 -5.62 46.00
CA LYS B 92 -11.60 -5.12 46.45
C LYS B 92 -12.69 -6.08 45.99
N ILE B 93 -13.55 -6.49 46.93
CA ILE B 93 -14.59 -7.47 46.66
C ILE B 93 -15.95 -6.76 46.69
N VAL B 94 -16.72 -6.92 45.63
CA VAL B 94 -18.07 -6.36 45.54
C VAL B 94 -19.04 -7.53 45.43
N LYS B 95 -19.97 -7.61 46.38
CA LYS B 95 -20.94 -8.70 46.39
C LYS B 95 -22.10 -8.42 45.44
N TRP B 96 -22.57 -9.47 44.78
CA TRP B 96 -23.75 -9.36 43.95
C TRP B 96 -24.97 -9.14 44.82
N ASP B 97 -25.64 -8.02 44.62
CA ASP B 97 -26.85 -7.66 45.38
C ASP B 97 -28.05 -7.94 44.49
N ARG B 98 -28.71 -9.07 44.75
CA ARG B 98 -29.84 -9.49 43.92
C ARG B 98 -30.98 -8.49 43.95
N ASP B 99 -31.15 -7.78 45.06
CA ASP B 99 -32.24 -6.83 45.24
C ASP B 99 -31.80 -5.38 45.06
N MET B 100 -30.78 -5.14 44.24
CA MET B 100 -30.29 -3.78 44.03
C MET B 100 -31.18 -3.02 43.05
N MET C 1 -13.77 -0.36 8.07
CA MET C 1 -12.44 -0.62 7.55
C MET C 1 -11.44 0.44 8.03
N MET C 2 -10.26 -0.01 8.42
CA MET C 2 -9.23 0.86 8.94
C MET C 2 -8.57 1.71 7.85
N TRP C 3 -8.04 2.85 8.27
CA TRP C 3 -7.27 3.74 7.40
C TRP C 3 -5.99 3.05 6.92
N ASP C 4 -5.73 3.10 5.62
CA ASP C 4 -4.55 2.44 5.06
C ASP C 4 -3.38 3.42 4.99
N ARG C 5 -2.81 3.67 6.16
CA ARG C 5 -1.58 4.44 6.25
C ARG C 5 -0.93 4.13 7.60
N GLY C 6 0.38 3.97 7.60
CA GLY C 6 1.09 3.99 8.85
C GLY C 6 1.16 5.40 9.42
N LEU C 7 1.34 5.48 10.72
CA LEU C 7 1.44 6.77 11.38
C LEU C 7 2.07 6.57 12.73
N GLY C 8 3.09 7.38 13.03
CA GLY C 8 3.71 7.32 14.33
C GLY C 8 4.31 8.66 14.67
N MET C 9 4.89 8.72 15.87
CA MET C 9 5.67 9.86 16.30
C MET C 9 6.96 10.04 15.48
N MET C 10 7.18 9.21 14.46
CA MET C 10 8.34 9.29 13.59
C MET C 10 9.68 9.41 14.33
N GLU D 1 -6.73 -8.34 -8.94
CA GLU D 1 -5.51 -7.60 -9.22
C GLU D 1 -5.77 -6.22 -9.82
N VAL D 2 -4.78 -5.74 -10.57
CA VAL D 2 -4.81 -4.42 -11.20
C VAL D 2 -4.66 -4.63 -12.69
N GLU D 3 -5.59 -4.08 -13.48
CA GLU D 3 -5.71 -4.43 -14.89
C GLU D 3 -5.58 -3.18 -15.74
N GLN D 4 -4.61 -3.19 -16.66
CA GLN D 4 -4.49 -2.21 -17.72
C GLN D 4 -4.32 -2.94 -19.04
N ASN D 5 -4.70 -2.28 -20.13
CA ASN D 5 -4.35 -2.80 -21.44
C ASN D 5 -2.85 -2.69 -21.66
N SER D 6 -2.26 -3.74 -22.23
CA SER D 6 -0.82 -3.76 -22.43
C SER D 6 -0.37 -2.75 -23.49
N GLY D 7 -1.27 -2.39 -24.40
CA GLY D 7 -0.89 -1.59 -25.55
C GLY D 7 -0.27 -2.47 -26.61
N PRO D 8 0.53 -1.89 -27.51
CA PRO D 8 0.88 -0.47 -27.48
C PRO D 8 -0.23 0.41 -28.05
N LEU D 9 -0.40 1.59 -27.47
CA LEU D 9 -1.36 2.57 -27.96
C LEU D 9 -0.63 3.67 -28.71
N SER D 10 -1.19 4.08 -29.84
CA SER D 10 -0.67 5.19 -30.61
C SER D 10 -1.50 6.44 -30.33
N VAL D 11 -0.82 7.58 -30.26
CA VAL D 11 -1.51 8.87 -30.22
C VAL D 11 -0.75 9.80 -31.15
N PRO D 12 -1.43 10.55 -32.02
CA PRO D 12 -0.72 11.55 -32.82
C PRO D 12 -0.07 12.59 -31.92
N GLU D 13 1.12 13.02 -32.33
CA GLU D 13 1.80 14.10 -31.63
C GLU D 13 0.90 15.33 -31.61
N GLY D 14 0.68 15.89 -30.42
CA GLY D 14 -0.21 17.02 -30.24
C GLY D 14 -1.60 16.67 -29.77
N ALA D 15 -1.98 15.40 -29.81
CA ALA D 15 -3.34 14.98 -29.49
C ALA D 15 -3.43 14.49 -28.05
N ILE D 16 -4.65 14.25 -27.61
CA ILE D 16 -4.92 13.79 -26.25
C ILE D 16 -4.77 12.27 -26.19
N ALA D 17 -4.12 11.80 -25.13
CA ALA D 17 -4.03 10.37 -24.82
C ALA D 17 -4.76 10.09 -23.52
N SER D 18 -5.50 8.99 -23.47
CA SER D 18 -6.23 8.58 -22.28
C SER D 18 -5.85 7.16 -21.91
N LEU D 19 -5.64 6.93 -20.60
CA LEU D 19 -5.24 5.63 -20.09
C LEU D 19 -6.18 5.23 -18.96
N ASN D 20 -6.51 3.95 -18.89
CA ASN D 20 -7.48 3.46 -17.92
C ASN D 20 -6.91 2.30 -17.13
N CYS D 21 -7.34 2.21 -15.88
CA CYS D 21 -6.90 1.17 -14.96
C CYS D 21 -8.08 0.78 -14.08
N THR D 22 -8.35 -0.52 -13.99
CA THR D 22 -9.36 -1.01 -13.08
C THR D 22 -8.70 -1.88 -12.02
N TYR D 23 -9.42 -2.09 -10.92
CA TYR D 23 -8.88 -2.85 -9.80
C TYR D 23 -10.02 -3.55 -9.08
N SER D 24 -9.68 -4.62 -8.38
CA SER D 24 -10.69 -5.51 -7.81
C SER D 24 -11.04 -5.22 -6.36
N ASP D 25 -10.10 -4.72 -5.56
CA ASP D 25 -10.30 -4.65 -4.12
C ASP D 25 -11.04 -3.39 -3.74
N ARG D 26 -12.28 -3.54 -3.26
CA ARG D 26 -13.08 -2.44 -2.75
C ARG D 26 -12.37 -1.65 -1.65
N GLY D 27 -11.45 -2.27 -0.91
CA GLY D 27 -10.84 -1.57 0.18
C GLY D 27 -9.71 -0.63 -0.17
N SER D 28 -9.35 -0.52 -1.44
CA SER D 28 -8.14 0.19 -1.82
C SER D 28 -8.31 1.70 -1.63
N GLN D 29 -7.29 2.34 -1.07
CA GLN D 29 -7.43 3.73 -0.64
C GLN D 29 -6.45 4.69 -1.27
N SER D 30 -5.46 4.23 -2.02
CA SER D 30 -4.54 5.14 -2.69
C SER D 30 -4.15 4.57 -4.04
N PHE D 31 -3.89 5.46 -4.99
CA PHE D 31 -3.73 5.12 -6.39
C PHE D 31 -2.65 6.01 -6.99
N PHE D 32 -1.86 5.44 -7.89
CA PHE D 32 -0.65 6.08 -8.37
C PHE D 32 -0.48 5.82 -9.85
N TRP D 33 -0.02 6.83 -10.59
CA TRP D 33 0.40 6.67 -11.97
C TRP D 33 1.89 6.90 -12.08
N TYR D 34 2.60 5.94 -12.68
CA TYR D 34 4.03 6.01 -12.90
C TYR D 34 4.32 5.97 -14.39
N ARG D 35 5.37 6.68 -14.79
CA ARG D 35 5.89 6.65 -16.15
C ARG D 35 7.24 5.94 -16.13
N GLN D 36 7.47 5.08 -17.11
CA GLN D 36 8.71 4.32 -17.18
C GLN D 36 9.22 4.30 -18.62
N TYR D 37 10.40 4.87 -18.83
CA TYR D 37 11.09 4.76 -20.10
C TYR D 37 11.87 3.45 -20.16
N SER D 38 12.16 3.00 -21.38
CA SER D 38 12.75 1.68 -21.57
C SER D 38 14.15 1.63 -20.99
N GLY D 39 14.41 0.60 -20.19
CA GLY D 39 15.68 0.48 -19.50
C GLY D 39 15.83 1.38 -18.29
N LYS D 40 14.77 2.06 -17.89
CA LYS D 40 14.80 3.01 -16.79
C LYS D 40 13.81 2.57 -15.71
N SER D 41 13.80 3.31 -14.62
CA SER D 41 12.97 2.99 -13.48
C SER D 41 11.69 3.81 -13.47
N PRO D 42 10.61 3.31 -12.86
CA PRO D 42 9.35 4.06 -12.84
C PRO D 42 9.51 5.37 -12.10
N GLU D 43 8.97 6.44 -12.69
CA GLU D 43 8.95 7.75 -12.04
C GLU D 43 7.50 8.17 -11.81
N LEU D 44 7.25 8.71 -10.62
CA LEU D 44 5.88 9.05 -10.22
C LEU D 44 5.37 10.24 -11.03
N ILE D 45 4.19 10.06 -11.63
CA ILE D 45 3.51 11.16 -12.29
C ILE D 45 2.57 11.87 -11.33
N MET D 46 1.75 11.10 -10.63
CA MET D 46 0.62 11.65 -9.89
C MET D 46 0.07 10.59 -8.96
N PHE D 47 -0.27 11.00 -7.74
CA PHE D 47 -1.04 10.16 -6.83
C PHE D 47 -2.43 10.76 -6.66
N ILE D 48 -3.38 9.92 -6.28
CA ILE D 48 -4.73 10.40 -6.03
C ILE D 48 -5.39 9.47 -5.02
N TYR D 49 -6.12 10.03 -4.07
CA TYR D 49 -6.82 9.21 -3.10
C TYR D 49 -8.23 9.70 -2.79
N SER D 50 -8.74 10.70 -3.51
CA SER D 50 -10.12 11.16 -3.37
C SER D 50 -10.83 11.06 -4.72
N ASN D 51 -12.12 10.72 -4.68
CA ASN D 51 -12.90 10.66 -5.90
C ASN D 51 -12.87 12.01 -6.61
N GLY D 52 -12.80 11.97 -7.93
CA GLY D 52 -12.82 13.17 -8.74
C GLY D 52 -11.58 13.29 -9.60
N ASP D 53 -11.39 14.51 -10.14
CA ASP D 53 -10.28 14.82 -11.02
C ASP D 53 -9.16 15.52 -10.26
N LYS D 54 -7.94 15.36 -10.76
CA LYS D 54 -6.77 16.02 -10.20
C LYS D 54 -5.87 16.42 -11.36
N GLU D 55 -5.62 17.72 -11.49
CA GLU D 55 -4.88 18.26 -12.62
C GLU D 55 -3.46 18.64 -12.20
N ASP D 56 -2.51 18.36 -13.09
CA ASP D 56 -1.10 18.65 -12.85
C ASP D 56 -0.47 18.94 -14.22
N GLY D 57 -0.52 20.21 -14.63
CA GLY D 57 0.01 20.56 -15.93
C GLY D 57 -0.79 19.93 -17.04
N ARG D 58 -0.11 19.22 -17.94
CA ARG D 58 -0.78 18.54 -19.04
C ARG D 58 -1.45 17.24 -18.62
N PHE D 59 -1.38 16.89 -17.35
CA PHE D 59 -1.86 15.60 -16.85
C PHE D 59 -3.10 15.79 -15.99
N THR D 60 -4.06 14.88 -16.17
CA THR D 60 -5.25 14.84 -15.33
C THR D 60 -5.52 13.41 -14.93
N ALA D 61 -5.64 13.17 -13.64
CA ALA D 61 -6.03 11.88 -13.10
C ALA D 61 -7.47 11.95 -12.65
N GLN D 62 -8.20 10.85 -12.85
CA GLN D 62 -9.60 10.76 -12.43
C GLN D 62 -9.80 9.46 -11.67
N LEU D 63 -10.40 9.55 -10.48
CA LEU D 63 -10.61 8.40 -9.61
C LEU D 63 -12.09 8.26 -9.32
N ASN D 64 -12.60 7.03 -9.47
CA ASN D 64 -13.97 6.69 -9.07
C ASN D 64 -13.89 5.35 -8.34
N LYS D 65 -13.78 5.42 -7.00
CA LYS D 65 -13.67 4.19 -6.22
C LYS D 65 -14.96 3.39 -6.25
N ALA D 66 -16.12 4.06 -6.36
CA ALA D 66 -17.37 3.33 -6.48
C ALA D 66 -17.42 2.49 -7.75
N SER D 67 -16.78 2.95 -8.82
CA SER D 67 -16.72 2.19 -10.07
C SER D 67 -15.41 1.47 -10.26
N GLN D 68 -14.48 1.63 -9.31
CA GLN D 68 -13.22 0.87 -9.27
C GLN D 68 -12.38 1.10 -10.53
N TYR D 69 -12.22 2.36 -10.89
CA TYR D 69 -11.27 2.69 -11.94
C TYR D 69 -10.52 3.96 -11.58
N VAL D 70 -9.35 4.10 -12.20
CA VAL D 70 -8.57 5.33 -12.16
C VAL D 70 -8.06 5.56 -13.56
N SER D 71 -8.00 6.81 -13.99
CA SER D 71 -7.61 7.12 -15.35
C SER D 71 -6.60 8.24 -15.39
N LEU D 72 -5.84 8.29 -16.48
CA LEU D 72 -4.87 9.33 -16.72
C LEU D 72 -5.13 9.95 -18.08
N LEU D 73 -5.14 11.29 -18.12
CA LEU D 73 -5.33 12.04 -19.34
C LEU D 73 -4.07 12.86 -19.60
N ILE D 74 -3.53 12.74 -20.80
CA ILE D 74 -2.35 13.51 -21.21
C ILE D 74 -2.75 14.41 -22.36
N ARG D 75 -2.65 15.73 -22.14
CA ARG D 75 -2.94 16.71 -23.17
C ARG D 75 -1.68 17.05 -23.96
N ASP D 76 -1.89 17.40 -25.24
CA ASP D 76 -0.82 17.84 -26.14
C ASP D 76 0.39 16.90 -26.09
N SER D 77 0.14 15.67 -26.54
CA SER D 77 1.14 14.61 -26.43
C SER D 77 2.43 15.00 -27.13
N GLN D 78 3.54 14.87 -26.41
CA GLN D 78 4.88 15.18 -26.88
C GLN D 78 5.67 13.89 -27.10
N PRO D 79 6.74 13.94 -27.90
CA PRO D 79 7.59 12.74 -28.05
C PRO D 79 8.10 12.18 -26.72
N SER D 80 8.37 13.03 -25.73
CA SER D 80 8.85 12.54 -24.44
C SER D 80 7.76 11.82 -23.64
N ASP D 81 6.51 11.84 -24.11
CA ASP D 81 5.46 11.06 -23.47
C ASP D 81 5.45 9.60 -23.91
N SER D 82 6.22 9.23 -24.92
CA SER D 82 6.33 7.83 -25.29
C SER D 82 7.02 7.06 -24.17
N ALA D 83 6.30 6.10 -23.60
CA ALA D 83 6.76 5.37 -22.42
C ALA D 83 5.75 4.30 -22.03
N THR D 84 6.05 3.53 -21.00
CA THR D 84 5.08 2.65 -20.37
C THR D 84 4.50 3.38 -19.18
N TYR D 85 3.18 3.38 -19.06
CA TYR D 85 2.49 4.03 -17.97
C TYR D 85 1.96 2.97 -17.03
N LEU D 86 2.39 3.03 -15.77
CA LEU D 86 2.12 2.00 -14.78
C LEU D 86 1.08 2.51 -13.81
N CYS D 87 0.03 1.73 -13.61
CA CYS D 87 -0.96 1.97 -12.58
C CYS D 87 -0.61 1.14 -11.35
N ALA D 88 -0.59 1.77 -10.17
CA ALA D 88 -0.32 1.08 -8.92
C ALA D 88 -1.45 1.37 -7.94
N VAL D 89 -1.79 0.37 -7.13
CA VAL D 89 -2.93 0.44 -6.23
C VAL D 89 -2.56 -0.20 -4.91
N ASN D 90 -2.79 0.50 -3.81
CA ASN D 90 -2.53 -0.06 -2.49
C ASN D 90 -3.70 -0.93 -2.04
N PHE D 91 -3.39 -2.19 -1.69
CA PHE D 91 -4.39 -3.15 -1.25
C PHE D 91 -4.45 -3.26 0.27
N GLY D 92 -3.63 -2.50 0.99
CA GLY D 92 -3.73 -2.47 2.45
C GLY D 92 -2.45 -2.99 3.11
N GLY D 93 -1.94 -2.20 4.05
CA GLY D 93 -0.83 -2.64 4.86
C GLY D 93 0.48 -2.77 4.13
N GLY D 94 0.66 -2.04 3.03
CA GLY D 94 1.91 -2.07 2.30
C GLY D 94 1.90 -2.92 1.05
N LYS D 95 0.79 -3.59 0.75
CA LYS D 95 0.69 -4.44 -0.44
C LYS D 95 0.39 -3.54 -1.64
N LEU D 96 1.46 -3.00 -2.24
CA LEU D 96 1.35 -2.07 -3.35
C LEU D 96 1.49 -2.86 -4.65
N ILE D 97 0.42 -2.91 -5.44
CA ILE D 97 0.32 -3.81 -6.58
C ILE D 97 0.24 -2.98 -7.86
N PHE D 98 1.05 -3.33 -8.85
CA PHE D 98 1.09 -2.66 -10.14
C PHE D 98 0.31 -3.45 -11.18
N GLY D 99 -0.30 -2.71 -12.11
CA GLY D 99 -0.81 -3.34 -13.32
C GLY D 99 0.32 -3.71 -14.26
N GLN D 100 -0.04 -4.28 -15.40
CA GLN D 100 0.98 -4.72 -16.34
C GLN D 100 1.60 -3.56 -17.11
N GLY D 101 1.01 -2.38 -17.04
CA GLY D 101 1.54 -1.23 -17.74
C GLY D 101 1.01 -1.10 -19.16
N THR D 102 0.75 0.13 -19.58
CA THR D 102 0.32 0.42 -20.94
C THR D 102 1.43 1.17 -21.64
N GLU D 103 1.94 0.60 -22.74
CA GLU D 103 2.92 1.28 -23.54
C GLU D 103 2.22 2.32 -24.42
N LEU D 104 2.68 3.57 -24.34
CA LEU D 104 2.16 4.64 -25.16
C LEU D 104 3.23 5.07 -26.15
N SER D 105 2.84 5.23 -27.41
CA SER D 105 3.77 5.64 -28.45
C SER D 105 3.19 6.86 -29.15
N VAL D 106 3.83 8.01 -28.95
CA VAL D 106 3.39 9.26 -29.57
C VAL D 106 3.95 9.31 -30.98
N LYS D 107 3.07 9.35 -31.97
CA LYS D 107 3.47 9.19 -33.37
C LYS D 107 3.60 10.55 -34.05
N PRO D 108 4.78 10.93 -34.51
CA PRO D 108 4.91 12.15 -35.30
C PRO D 108 4.41 11.94 -36.72
N ASN D 109 3.85 13.00 -37.30
CA ASN D 109 3.45 12.97 -38.69
C ASN D 109 4.67 13.12 -39.59
N ILE D 110 4.89 12.13 -40.45
CA ILE D 110 5.99 12.21 -41.40
C ILE D 110 5.64 13.23 -42.47
N GLN D 111 6.50 14.24 -42.62
CA GLN D 111 6.23 15.34 -43.54
C GLN D 111 6.05 14.83 -44.97
N ASN D 112 7.10 14.25 -45.54
CA ASN D 112 7.08 13.74 -46.91
C ASN D 112 7.56 12.30 -46.92
N PRO D 113 6.64 11.34 -46.79
CA PRO D 113 7.05 9.93 -46.80
C PRO D 113 7.64 9.53 -48.14
N ASP D 114 8.77 8.82 -48.09
CA ASP D 114 9.43 8.30 -49.27
C ASP D 114 9.92 6.88 -48.98
N PRO D 115 8.98 5.94 -48.84
CA PRO D 115 9.36 4.59 -48.42
C PRO D 115 10.30 3.92 -49.42
N ALA D 116 11.39 3.37 -48.90
CA ALA D 116 12.44 2.79 -49.74
C ALA D 116 13.21 1.78 -48.92
N VAL D 117 13.75 0.78 -49.60
CA VAL D 117 14.51 -0.30 -48.97
C VAL D 117 15.90 -0.31 -49.58
N TYR D 118 16.91 0.05 -48.78
CA TYR D 118 18.29 0.16 -49.24
C TYR D 118 19.13 -0.98 -48.69
N GLN D 119 20.18 -1.33 -49.44
CA GLN D 119 21.14 -2.35 -49.05
C GLN D 119 22.44 -1.67 -48.67
N LEU D 120 22.88 -1.87 -47.43
CA LEU D 120 24.08 -1.24 -46.89
C LEU D 120 25.17 -2.28 -46.71
N ARG D 121 26.37 -1.96 -47.18
CA ARG D 121 27.50 -2.87 -47.10
C ARG D 121 28.37 -2.53 -45.89
N ASP D 122 28.94 -3.56 -45.28
CA ASP D 122 29.84 -3.37 -44.16
C ASP D 122 31.11 -2.66 -44.61
N SER D 123 31.73 -1.94 -43.66
CA SER D 123 33.03 -1.35 -43.93
C SER D 123 34.06 -2.40 -44.34
N LYS D 124 33.91 -3.63 -43.86
CA LYS D 124 34.80 -4.72 -44.22
C LYS D 124 34.39 -5.35 -45.55
N ASP D 127 31.71 -8.48 -46.68
CA ASP D 127 30.97 -9.57 -47.32
C ASP D 127 29.50 -9.60 -46.87
N LYS D 128 29.25 -9.09 -45.66
CA LYS D 128 27.92 -9.07 -45.09
C LYS D 128 27.22 -7.74 -45.33
N SER D 129 25.89 -7.77 -45.29
CA SER D 129 25.11 -6.58 -45.57
C SER D 129 23.78 -6.64 -44.83
N VAL D 130 23.16 -5.47 -44.68
CA VAL D 130 21.87 -5.33 -44.01
C VAL D 130 20.93 -4.55 -44.93
N CYS D 131 19.63 -4.80 -44.78
CA CYS D 131 18.61 -4.08 -45.54
C CYS D 131 17.95 -3.05 -44.65
N LEU D 132 17.85 -1.82 -45.16
CA LEU D 132 17.30 -0.69 -44.41
C LEU D 132 15.99 -0.26 -45.04
N PHE D 133 14.89 -0.51 -44.34
CA PHE D 133 13.59 0.04 -44.70
C PHE D 133 13.41 1.35 -43.94
N THR D 134 13.28 2.46 -44.66
CA THR D 134 13.25 3.76 -44.02
C THR D 134 12.28 4.69 -44.73
N ASP D 135 11.97 5.80 -44.05
CA ASP D 135 11.21 6.92 -44.60
C ASP D 135 9.74 6.58 -44.86
N PHE D 136 9.20 5.60 -44.16
CA PHE D 136 7.79 5.27 -44.27
C PHE D 136 6.99 6.07 -43.24
N ASP D 137 5.66 6.05 -43.42
CA ASP D 137 4.78 6.77 -42.50
C ASP D 137 4.71 6.05 -41.16
N SER D 138 4.23 6.78 -40.15
CA SER D 138 4.23 6.29 -38.78
C SER D 138 3.17 5.21 -38.51
N GLN D 139 2.27 4.95 -39.46
CA GLN D 139 1.28 3.89 -39.30
C GLN D 139 1.71 2.58 -39.94
N THR D 140 2.88 2.56 -40.59
CA THR D 140 3.37 1.32 -41.18
C THR D 140 3.79 0.35 -40.08
N ASN D 141 3.41 -0.91 -40.22
CA ASN D 141 3.75 -1.96 -39.27
C ASN D 141 4.78 -2.88 -39.90
N VAL D 142 5.94 -3.02 -39.26
CA VAL D 142 7.01 -3.89 -39.72
C VAL D 142 6.88 -5.20 -38.96
N SER D 143 6.52 -6.27 -39.66
CA SER D 143 6.35 -7.57 -39.05
C SER D 143 7.65 -8.38 -39.10
N GLN D 144 7.64 -9.50 -38.39
CA GLN D 144 8.76 -10.44 -38.41
C GLN D 144 8.58 -11.44 -39.55
N SER D 145 9.70 -11.92 -40.05
CA SER D 145 9.67 -12.89 -41.13
C SER D 145 9.25 -14.26 -40.60
N LYS D 146 8.63 -15.06 -41.48
CA LYS D 146 8.36 -16.45 -41.16
C LYS D 146 9.58 -17.34 -41.31
N ASP D 147 10.69 -16.79 -41.81
CA ASP D 147 11.94 -17.52 -41.92
C ASP D 147 12.69 -17.40 -40.59
N SER D 148 13.03 -18.55 -40.00
CA SER D 148 13.70 -18.58 -38.71
C SER D 148 15.13 -18.03 -38.77
N ASP D 149 15.70 -17.91 -39.97
CA ASP D 149 17.08 -17.44 -40.13
C ASP D 149 17.15 -16.02 -40.68
N VAL D 150 16.06 -15.26 -40.55
CA VAL D 150 16.01 -13.86 -40.96
C VAL D 150 15.63 -13.02 -39.76
N TYR D 151 16.31 -11.88 -39.59
CA TYR D 151 16.14 -11.02 -38.44
C TYR D 151 15.67 -9.65 -38.90
N ILE D 152 14.56 -9.19 -38.31
CA ILE D 152 14.01 -7.86 -38.58
C ILE D 152 13.76 -7.19 -37.25
N THR D 153 14.22 -5.94 -37.13
CA THR D 153 13.99 -5.18 -35.91
C THR D 153 12.63 -4.51 -35.98
N ASP D 154 12.19 -4.00 -34.83
CA ASP D 154 10.99 -3.18 -34.83
C ASP D 154 11.31 -1.80 -35.40
N LYS D 155 10.26 -1.10 -35.82
CA LYS D 155 10.43 0.25 -36.34
C LYS D 155 10.83 1.21 -35.22
N CYS D 156 11.45 2.33 -35.63
CA CYS D 156 12.08 3.22 -34.68
C CYS D 156 12.28 4.57 -35.33
N VAL D 157 11.95 5.65 -34.61
CA VAL D 157 11.96 7.00 -35.16
C VAL D 157 13.19 7.74 -34.66
N LEU D 158 13.93 8.33 -35.58
CA LEU D 158 15.06 9.20 -35.25
C LEU D 158 14.74 10.62 -35.64
N ASP D 159 15.39 11.57 -34.97
CA ASP D 159 15.09 13.00 -35.11
C ASP D 159 16.39 13.77 -35.35
N MET D 160 16.62 14.16 -36.61
CA MET D 160 17.73 15.04 -36.95
C MET D 160 17.33 16.46 -36.56
N ARG D 161 17.77 16.90 -35.38
CA ARG D 161 17.23 18.09 -34.75
C ARG D 161 17.55 19.36 -35.55
N SER D 162 18.76 19.45 -36.11
CA SER D 162 19.11 20.68 -36.82
C SER D 162 18.31 20.83 -38.10
N MET D 163 17.94 19.73 -38.75
CA MET D 163 17.18 19.78 -39.98
C MET D 163 15.68 19.76 -39.75
N ASP D 164 15.23 19.70 -38.49
CA ASP D 164 13.81 19.63 -38.14
C ASP D 164 13.13 18.49 -38.90
N PHE D 165 13.83 17.37 -39.01
CA PHE D 165 13.41 16.23 -39.81
C PHE D 165 13.33 15.00 -38.92
N LYS D 166 12.36 14.12 -39.22
CA LYS D 166 12.19 12.86 -38.53
C LYS D 166 11.93 11.76 -39.54
N SER D 167 12.36 10.54 -39.21
CA SER D 167 12.16 9.42 -40.11
C SER D 167 12.10 8.12 -39.32
N ASN D 168 11.21 7.24 -39.74
CA ASN D 168 11.13 5.89 -39.20
C ASN D 168 12.05 4.96 -39.98
N SER D 169 12.52 3.92 -39.30
CA SER D 169 13.36 2.93 -39.97
C SER D 169 13.24 1.58 -39.28
N ALA D 170 13.51 0.53 -40.05
CA ALA D 170 13.72 -0.81 -39.53
C ALA D 170 14.82 -1.45 -40.36
N VAL D 171 15.57 -2.35 -39.74
CA VAL D 171 16.65 -3.01 -40.45
C VAL D 171 16.37 -4.49 -40.49
N ALA D 172 16.88 -5.14 -41.53
CA ALA D 172 16.79 -6.58 -41.69
C ALA D 172 18.11 -7.09 -42.21
N TRP D 173 18.44 -8.32 -41.84
CA TRP D 173 19.67 -8.96 -42.30
C TRP D 173 19.51 -10.47 -42.11
N SER D 174 20.45 -11.21 -42.68
CA SER D 174 20.44 -12.65 -42.55
C SER D 174 21.83 -13.17 -42.86
N ASN D 175 22.18 -14.30 -42.23
CA ASN D 175 23.47 -14.92 -42.49
C ASN D 175 23.48 -15.66 -43.82
N LYS D 176 22.33 -16.14 -44.28
CA LYS D 176 22.24 -16.79 -45.58
C LYS D 176 22.48 -15.78 -46.70
N SER D 177 22.74 -16.30 -47.90
CA SER D 177 23.01 -15.47 -49.06
C SER D 177 21.97 -15.63 -50.16
N ASP D 178 20.91 -16.41 -49.92
CA ASP D 178 19.69 -16.27 -50.71
C ASP D 178 19.03 -14.91 -50.48
N PHE D 179 19.50 -14.17 -49.48
CA PHE D 179 18.83 -12.98 -49.00
C PHE D 179 18.98 -11.82 -49.98
N ALA D 180 17.86 -11.30 -50.45
CA ALA D 180 17.80 -10.08 -51.24
C ALA D 180 16.84 -9.12 -50.58
N CYS D 181 17.17 -7.82 -50.62
CA CYS D 181 16.38 -6.83 -49.90
C CYS D 181 14.95 -6.71 -50.45
N ALA D 182 14.68 -7.26 -51.64
CA ALA D 182 13.32 -7.26 -52.15
C ALA D 182 12.44 -8.22 -51.38
N ASN D 183 12.98 -9.36 -50.95
CA ASN D 183 12.21 -10.36 -50.22
C ASN D 183 12.32 -10.21 -48.71
N ALA D 184 12.98 -9.17 -48.22
CA ALA D 184 13.24 -9.06 -46.80
C ALA D 184 11.98 -8.77 -46.01
N PHE D 185 11.12 -7.91 -46.54
CA PHE D 185 9.92 -7.45 -45.83
C PHE D 185 8.63 -7.93 -46.50
N ASN D 186 8.65 -9.15 -47.05
CA ASN D 186 7.46 -9.68 -47.70
C ASN D 186 6.35 -9.99 -46.69
N ASN D 187 6.72 -10.34 -45.45
CA ASN D 187 5.73 -10.67 -44.44
C ASN D 187 5.09 -9.45 -43.81
N SER D 188 5.56 -8.24 -44.14
CA SER D 188 4.99 -7.02 -43.60
C SER D 188 4.14 -6.32 -44.66
N ILE D 189 3.18 -5.52 -44.20
CA ILE D 189 2.34 -4.73 -45.09
C ILE D 189 3.15 -3.49 -45.48
N ILE D 190 3.71 -3.51 -46.68
CA ILE D 190 4.63 -2.48 -47.14
C ILE D 190 3.90 -1.62 -48.17
N PRO D 191 4.15 -0.30 -48.21
CA PRO D 191 3.54 0.52 -49.26
C PRO D 191 3.85 -0.02 -50.65
N GLU D 192 2.84 0.05 -51.53
CA GLU D 192 3.00 -0.48 -52.87
C GLU D 192 4.00 0.32 -53.71
N ASP D 193 4.26 1.58 -53.35
CA ASP D 193 5.20 2.41 -54.06
C ASP D 193 6.57 2.44 -53.39
N THR D 194 6.91 1.38 -52.64
CA THR D 194 8.20 1.33 -51.97
C THR D 194 9.32 1.24 -52.99
N PHE D 195 10.28 2.16 -52.90
CA PHE D 195 11.37 2.26 -53.85
C PHE D 195 12.40 1.18 -53.55
N PHE D 196 12.65 0.31 -54.54
CA PHE D 196 13.68 -0.72 -54.44
C PHE D 196 14.76 -0.43 -55.46
N PRO D 197 15.88 0.22 -55.08
CA PRO D 197 16.98 0.55 -56.00
C PRO D 197 17.57 -0.66 -56.70
N ILE E 1 21.88 14.85 -1.23
CA ILE E 1 21.01 14.17 -2.17
C ILE E 1 20.46 12.88 -1.57
N ALA E 2 19.60 13.03 -0.56
CA ALA E 2 19.00 11.89 0.11
C ALA E 2 18.09 11.14 -0.85
N GLY E 3 18.50 9.96 -1.28
CA GLY E 3 17.70 9.16 -2.20
C GLY E 3 17.72 7.69 -1.88
N ILE E 4 17.40 6.87 -2.88
CA ILE E 4 17.41 5.42 -2.74
C ILE E 4 18.32 4.85 -3.83
N THR E 5 19.21 3.93 -3.45
CA THR E 5 20.16 3.35 -4.39
C THR E 5 20.14 1.84 -4.26
N GLN E 6 20.17 1.16 -5.41
CA GLN E 6 20.33 -0.29 -5.47
C GLN E 6 21.74 -0.64 -5.90
N ALA E 7 22.12 -1.88 -5.63
CA ALA E 7 23.42 -2.41 -6.02
C ALA E 7 23.34 -3.93 -6.03
N PRO E 8 24.02 -4.57 -7.00
CA PRO E 8 24.72 -3.92 -8.10
C PRO E 8 23.73 -3.51 -9.19
N THR E 9 24.20 -2.79 -10.22
CA THR E 9 23.31 -2.38 -11.29
C THR E 9 23.03 -3.51 -12.26
N SER E 10 23.95 -4.46 -12.38
CA SER E 10 23.74 -5.63 -13.22
C SER E 10 24.56 -6.78 -12.65
N GLN E 11 24.12 -8.00 -12.95
CA GLN E 11 24.77 -9.17 -12.38
C GLN E 11 24.53 -10.38 -13.26
N ILE E 12 25.59 -11.14 -13.52
CA ILE E 12 25.49 -12.45 -14.15
C ILE E 12 25.78 -13.48 -13.07
N LEU E 13 24.93 -14.51 -13.00
CA LEU E 13 24.93 -15.43 -11.88
C LEU E 13 24.78 -16.86 -12.39
N ALA E 14 25.69 -17.73 -11.98
CA ALA E 14 25.53 -19.15 -12.31
C ALA E 14 24.40 -19.73 -11.48
N ALA E 15 23.69 -20.71 -12.05
CA ALA E 15 22.61 -21.37 -11.34
C ALA E 15 23.15 -22.05 -10.08
N GLY E 16 22.35 -21.99 -9.01
CA GLY E 16 22.74 -22.56 -7.74
C GLY E 16 23.54 -21.64 -6.84
N ARG E 17 23.94 -20.47 -7.32
CA ARG E 17 24.74 -19.56 -6.52
C ARG E 17 23.85 -18.67 -5.66
N ARG E 18 24.42 -18.24 -4.53
CA ARG E 18 23.77 -17.29 -3.64
C ARG E 18 24.05 -15.87 -4.11
N MET E 19 23.11 -14.96 -3.83
CA MET E 19 23.20 -13.59 -4.30
C MET E 19 22.31 -12.71 -3.45
N THR E 20 22.80 -11.55 -3.07
CA THR E 20 22.01 -10.57 -2.34
C THR E 20 22.01 -9.25 -3.11
N LEU E 21 20.83 -8.72 -3.39
CA LEU E 21 20.71 -7.39 -3.96
C LEU E 21 20.56 -6.39 -2.83
N ARG E 22 21.39 -5.35 -2.86
CA ARG E 22 21.36 -4.35 -1.80
C ARG E 22 20.44 -3.21 -2.17
N CYS E 23 19.81 -2.62 -1.16
CA CYS E 23 18.94 -1.47 -1.36
C CYS E 23 18.91 -0.67 -0.08
N THR E 24 19.36 0.58 -0.15
CA THR E 24 19.42 1.45 1.01
C THR E 24 18.82 2.80 0.66
N GLN E 25 18.26 3.45 1.67
CA GLN E 25 17.68 4.78 1.53
C GLN E 25 17.93 5.57 2.80
N ASP E 26 18.22 6.86 2.64
CA ASP E 26 18.44 7.75 3.77
C ASP E 26 17.34 8.79 3.89
N MET E 27 16.14 8.48 3.39
CA MET E 27 15.00 9.38 3.51
C MET E 27 14.18 9.10 4.76
N ARG E 28 14.65 8.21 5.63
CA ARG E 28 13.90 7.78 6.82
C ARG E 28 12.51 7.28 6.43
N HIS E 29 12.43 6.64 5.27
CA HIS E 29 11.18 5.99 4.86
C HIS E 29 10.97 4.72 5.66
N ASN E 30 9.72 4.52 6.11
CA ASN E 30 9.42 3.36 6.94
C ASN E 30 9.01 2.14 6.12
N ALA E 31 8.46 2.33 4.92
CA ALA E 31 8.03 1.22 4.08
C ALA E 31 9.00 1.03 2.91
N MET E 32 9.31 -0.22 2.60
CA MET E 32 10.16 -0.54 1.46
C MET E 32 9.58 -1.76 0.73
N TYR E 33 9.99 -1.92 -0.53
CA TYR E 33 9.37 -2.89 -1.42
C TYR E 33 10.40 -3.48 -2.38
N TRP E 34 10.14 -4.70 -2.84
CA TRP E 34 10.91 -5.32 -3.90
C TRP E 34 9.98 -5.84 -5.00
N TYR E 35 10.27 -5.46 -6.25
CA TYR E 35 9.52 -5.89 -7.42
C TYR E 35 10.45 -6.54 -8.43
N ARG E 36 9.91 -7.46 -9.23
CA ARG E 36 10.58 -7.92 -10.45
C ARG E 36 9.71 -7.56 -11.64
N GLN E 37 10.35 -7.30 -12.77
CA GLN E 37 9.65 -6.87 -13.97
C GLN E 37 10.03 -7.79 -15.12
N ASP E 38 9.02 -8.36 -15.78
CA ASP E 38 9.22 -9.28 -16.89
C ASP E 38 8.25 -8.93 -18.00
N LEU E 39 8.58 -9.37 -19.22
CA LEU E 39 7.75 -9.09 -20.36
C LEU E 39 6.33 -9.62 -20.14
N GLY E 40 5.33 -8.78 -20.41
CA GLY E 40 3.95 -9.17 -20.28
C GLY E 40 3.42 -9.21 -18.87
N LEU E 41 4.26 -9.07 -17.86
CA LEU E 41 3.82 -9.16 -16.47
C LEU E 41 3.96 -7.86 -15.70
N GLY E 42 4.59 -6.83 -16.26
CA GLY E 42 4.79 -5.61 -15.50
C GLY E 42 5.61 -5.87 -14.26
N LEU E 43 5.34 -5.08 -13.22
CA LEU E 43 6.00 -5.23 -11.93
C LEU E 43 5.21 -6.18 -11.06
N ARG E 44 5.89 -7.20 -10.52
CA ARG E 44 5.28 -8.13 -9.58
C ARG E 44 5.98 -8.03 -8.23
N LEU E 45 5.19 -7.90 -7.17
CA LEU E 45 5.71 -7.68 -5.83
C LEU E 45 6.29 -8.96 -5.27
N ILE E 46 7.54 -8.89 -4.82
CA ILE E 46 8.22 -10.08 -4.29
C ILE E 46 8.02 -10.12 -2.78
N HIS E 47 8.52 -9.10 -2.11
CA HIS E 47 8.39 -8.92 -0.67
C HIS E 47 8.19 -7.44 -0.40
N TYR E 48 7.56 -7.15 0.73
CA TYR E 48 7.43 -5.78 1.19
C TYR E 48 7.83 -5.72 2.65
N SER E 49 8.02 -4.50 3.14
CA SER E 49 8.29 -4.26 4.55
C SER E 49 7.55 -2.98 4.90
N ASN E 50 6.45 -3.09 5.66
CA ASN E 50 5.66 -1.91 5.95
C ASN E 50 6.20 -1.12 7.14
N THR E 51 7.19 -1.64 7.85
CA THR E 51 7.79 -0.92 8.96
C THR E 51 9.14 -1.57 9.28
N ALA E 52 10.04 -0.77 9.82
CA ALA E 52 11.33 -1.29 10.25
C ALA E 52 11.12 -2.44 11.23
N GLY E 53 11.83 -3.55 10.98
CA GLY E 53 11.74 -4.70 11.85
C GLY E 53 10.78 -5.79 11.40
N THR E 54 10.06 -5.60 10.29
CA THR E 54 9.11 -6.58 9.80
C THR E 54 9.23 -6.70 8.29
N THR E 55 8.83 -7.86 7.77
CA THR E 55 8.70 -8.08 6.33
C THR E 55 7.43 -8.89 6.08
N GLY E 56 7.01 -8.91 4.82
CA GLY E 56 5.83 -9.67 4.43
C GLY E 56 5.99 -10.18 3.02
N LYS E 57 5.22 -11.22 2.71
CA LYS E 57 5.28 -11.85 1.40
C LYS E 57 4.43 -11.11 0.38
N GLY E 58 4.95 -10.98 -0.83
CA GLY E 58 4.28 -10.29 -1.92
C GLY E 58 3.47 -11.22 -2.79
N GLU E 59 3.45 -10.92 -4.10
CA GLU E 59 2.77 -11.78 -5.07
C GLU E 59 3.61 -13.01 -5.43
N VAL E 60 4.93 -12.85 -5.51
CA VAL E 60 5.80 -13.92 -5.97
C VAL E 60 7.00 -14.03 -5.03
N PRO E 61 6.81 -14.44 -3.77
CA PRO E 61 7.93 -14.46 -2.82
C PRO E 61 8.83 -15.69 -2.93
N ASP E 62 8.43 -16.72 -3.65
CA ASP E 62 9.12 -18.02 -3.58
C ASP E 62 10.51 -17.93 -4.19
N GLY E 63 11.51 -18.42 -3.45
CA GLY E 63 12.88 -18.37 -3.88
C GLY E 63 13.62 -17.11 -3.46
N TYR E 64 12.95 -16.21 -2.75
CA TYR E 64 13.54 -14.95 -2.32
C TYR E 64 13.29 -14.77 -0.83
N SER E 65 14.23 -14.14 -0.15
CA SER E 65 14.01 -13.73 1.23
C SER E 65 14.53 -12.30 1.38
N VAL E 66 14.02 -11.61 2.39
CA VAL E 66 14.43 -10.26 2.71
C VAL E 66 14.60 -10.13 4.21
N SER E 67 15.19 -9.02 4.63
CA SER E 67 15.27 -8.68 6.03
C SER E 67 15.25 -7.17 6.14
N ARG E 68 14.76 -6.67 7.28
CA ARG E 68 14.64 -5.25 7.53
C ARG E 68 15.02 -4.99 8.99
N ALA E 69 16.28 -5.25 9.33
CA ALA E 69 16.74 -4.97 10.69
C ALA E 69 16.74 -3.48 10.99
N ASN E 70 17.04 -2.66 9.99
CA ASN E 70 17.15 -1.21 10.15
C ASN E 70 16.22 -0.53 9.17
N THR E 71 15.95 0.74 9.47
CA THR E 71 15.12 1.56 8.59
C THR E 71 15.73 1.67 7.19
N ASP E 72 17.05 1.75 7.10
CA ASP E 72 17.72 2.15 5.87
C ASP E 72 17.75 1.04 4.83
N ASP E 73 18.18 -0.15 5.22
CA ASP E 73 18.48 -1.22 4.28
C ASP E 73 17.33 -2.20 4.14
N PHE E 74 17.29 -2.86 2.98
CA PHE E 74 16.27 -3.87 2.69
C PHE E 74 16.84 -4.85 1.67
N PRO E 75 17.75 -5.73 2.10
CA PRO E 75 18.44 -6.61 1.14
C PRO E 75 17.57 -7.77 0.68
N LEU E 76 17.66 -8.05 -0.62
CA LEU E 76 16.94 -9.17 -1.23
C LEU E 76 17.92 -10.29 -1.53
N THR E 77 17.68 -11.46 -0.94
CA THR E 77 18.59 -12.59 -1.07
C THR E 77 17.98 -13.69 -1.94
N LEU E 78 18.75 -14.15 -2.91
CA LEU E 78 18.45 -15.36 -3.67
C LEU E 78 19.35 -16.45 -3.11
N ALA E 79 18.76 -17.41 -2.40
CA ALA E 79 19.56 -18.44 -1.75
C ALA E 79 20.21 -19.37 -2.77
N SER E 80 19.47 -19.73 -3.83
CA SER E 80 19.96 -20.71 -4.81
C SER E 80 19.33 -20.35 -6.16
N ALA E 81 20.02 -19.50 -6.92
CA ALA E 81 19.42 -18.88 -8.09
C ALA E 81 19.06 -19.92 -9.15
N VAL E 82 17.90 -19.73 -9.77
CA VAL E 82 17.44 -20.59 -10.86
C VAL E 82 17.14 -19.70 -12.05
N PRO E 83 17.21 -20.25 -13.27
CA PRO E 83 17.08 -19.42 -14.47
C PRO E 83 15.81 -18.57 -14.51
N SER E 84 14.70 -19.07 -13.94
CA SER E 84 13.48 -18.29 -13.93
C SER E 84 13.59 -17.00 -13.13
N GLN E 85 14.66 -16.83 -12.36
CA GLN E 85 14.86 -15.58 -11.64
C GLN E 85 15.59 -14.53 -12.45
N THR E 86 15.92 -14.83 -13.71
CA THR E 86 16.39 -13.81 -14.63
C THR E 86 15.31 -12.75 -14.78
N SER E 87 15.67 -11.48 -14.56
CA SER E 87 14.68 -10.41 -14.49
C SER E 87 15.34 -9.06 -14.28
N VAL E 88 14.55 -7.99 -14.22
CA VAL E 88 14.98 -6.69 -13.72
C VAL E 88 14.30 -6.49 -12.37
N TYR E 89 15.10 -6.15 -11.36
CA TYR E 89 14.62 -6.02 -9.99
C TYR E 89 14.63 -4.56 -9.58
N PHE E 90 13.53 -4.10 -8.98
CA PHE E 90 13.39 -2.71 -8.55
C PHE E 90 13.07 -2.65 -7.07
N CYS E 91 13.88 -1.92 -6.33
CA CYS E 91 13.59 -1.59 -4.94
C CYS E 91 12.89 -0.25 -4.87
N ALA E 92 11.98 -0.11 -3.90
CA ALA E 92 11.27 1.14 -3.71
C ALA E 92 11.00 1.36 -2.23
N SER E 93 10.76 2.62 -1.87
CA SER E 93 10.45 2.98 -0.50
C SER E 93 9.43 4.11 -0.50
N SER E 94 8.62 4.15 0.57
CA SER E 94 7.70 5.25 0.81
C SER E 94 7.80 5.69 2.28
N LEU E 95 7.48 6.95 2.54
CA LEU E 95 7.56 7.48 3.91
C LEU E 95 6.80 6.61 4.89
N SER E 96 5.64 6.12 4.48
CA SER E 96 4.86 5.20 5.28
C SER E 96 4.08 4.34 4.29
N PHE E 97 3.55 3.21 4.76
CA PHE E 97 2.72 2.44 3.85
C PHE E 97 1.46 3.24 3.56
N GLY E 98 1.03 3.20 2.30
CA GLY E 98 -0.06 4.05 1.86
C GLY E 98 0.33 5.40 1.28
N THR E 99 1.62 5.72 1.22
CA THR E 99 2.08 6.96 0.59
C THR E 99 2.94 6.62 -0.62
N GLU E 100 3.33 7.64 -1.37
CA GLU E 100 3.91 7.42 -2.70
C GLU E 100 5.28 6.74 -2.62
N ALA E 101 5.49 5.76 -3.49
CA ALA E 101 6.72 4.99 -3.51
C ALA E 101 7.68 5.53 -4.56
N PHE E 102 8.95 5.65 -4.17
CA PHE E 102 10.02 6.08 -5.05
C PHE E 102 10.97 4.92 -5.31
N PHE E 103 11.42 4.80 -6.56
CA PHE E 103 12.11 3.61 -7.04
C PHE E 103 13.61 3.84 -7.17
N GLY E 104 14.37 2.75 -6.97
CA GLY E 104 15.79 2.75 -7.24
C GLY E 104 16.09 2.54 -8.71
N GLN E 105 17.38 2.43 -9.02
CA GLN E 105 17.83 2.38 -10.41
C GLN E 105 17.46 1.07 -11.11
N GLY E 106 17.25 0.01 -10.37
CA GLY E 106 17.00 -1.27 -10.99
C GLY E 106 18.27 -2.11 -11.10
N THR E 107 18.09 -3.43 -11.01
CA THR E 107 19.19 -4.38 -11.15
C THR E 107 18.82 -5.37 -12.24
N ARG E 108 19.63 -5.45 -13.28
CA ARG E 108 19.43 -6.41 -14.35
C ARG E 108 20.21 -7.68 -14.00
N LEU E 109 19.49 -8.74 -13.65
CA LEU E 109 20.09 -9.99 -13.21
C LEU E 109 19.73 -11.10 -14.20
N THR E 110 20.75 -11.85 -14.63
CA THR E 110 20.55 -13.01 -15.48
C THR E 110 21.17 -14.22 -14.80
N VAL E 111 20.40 -15.30 -14.68
CA VAL E 111 20.88 -16.56 -14.15
C VAL E 111 21.11 -17.51 -15.32
N VAL E 112 22.34 -18.00 -15.46
CA VAL E 112 22.70 -18.88 -16.56
C VAL E 112 23.06 -20.26 -16.01
N GLU E 113 22.76 -21.29 -16.82
CA GLU E 113 23.10 -22.65 -16.42
C GLU E 113 24.61 -22.84 -16.30
N ASP E 114 25.38 -22.16 -17.14
CA ASP E 114 26.82 -22.25 -17.12
C ASP E 114 27.41 -20.98 -17.70
N LEU E 115 28.46 -20.47 -17.05
CA LEU E 115 29.09 -19.24 -17.52
C LEU E 115 29.68 -19.38 -18.92
N ASN E 116 29.86 -20.60 -19.42
CA ASN E 116 30.39 -20.82 -20.75
C ASN E 116 29.42 -20.41 -21.85
N LYS E 117 28.20 -20.00 -21.51
CA LYS E 117 27.27 -19.48 -22.49
C LYS E 117 27.33 -17.97 -22.61
N VAL E 118 28.09 -17.29 -21.74
CA VAL E 118 28.25 -15.85 -21.82
C VAL E 118 29.22 -15.50 -22.95
N PHE E 119 28.79 -14.61 -23.85
CA PHE E 119 29.59 -14.20 -25.00
C PHE E 119 29.51 -12.70 -25.18
N PRO E 120 30.64 -12.05 -25.49
CA PRO E 120 30.60 -10.62 -25.80
C PRO E 120 30.09 -10.40 -27.21
N PRO E 121 29.66 -9.19 -27.54
CA PRO E 121 29.16 -8.93 -28.89
C PRO E 121 30.27 -8.74 -29.92
N GLU E 122 29.93 -9.05 -31.15
CA GLU E 122 30.66 -8.57 -32.32
C GLU E 122 29.94 -7.33 -32.82
N VAL E 123 30.71 -6.31 -33.21
CA VAL E 123 30.14 -5.03 -33.62
C VAL E 123 30.63 -4.70 -35.02
N ALA E 124 29.71 -4.33 -35.90
CA ALA E 124 30.04 -3.90 -37.25
C ALA E 124 29.23 -2.66 -37.58
N VAL E 125 29.82 -1.78 -38.39
CA VAL E 125 29.17 -0.58 -38.87
C VAL E 125 29.00 -0.69 -40.38
N PHE E 126 27.77 -0.54 -40.85
CA PHE E 126 27.45 -0.65 -42.26
C PHE E 126 27.29 0.73 -42.86
N GLU E 127 28.01 0.99 -43.94
CA GLU E 127 28.10 2.31 -44.54
C GLU E 127 26.85 2.65 -45.34
N PRO E 128 26.51 3.94 -45.45
CA PRO E 128 25.28 4.34 -46.15
C PRO E 128 25.28 3.92 -47.61
N SER E 129 24.07 3.64 -48.12
CA SER E 129 23.91 3.26 -49.52
C SER E 129 24.02 4.48 -50.42
N GLU E 130 24.65 4.29 -51.58
CA GLU E 130 24.74 5.37 -52.55
C GLU E 130 23.36 5.74 -53.09
N ALA E 131 22.45 4.77 -53.17
CA ALA E 131 21.09 5.06 -53.63
C ALA E 131 20.38 6.00 -52.66
N GLU E 132 20.49 5.74 -51.36
CA GLU E 132 19.89 6.62 -50.37
C GLU E 132 20.46 8.03 -50.47
N ILE E 133 21.75 8.15 -50.77
CA ILE E 133 22.38 9.46 -50.85
C ILE E 133 21.81 10.28 -52.00
N SER E 134 21.66 9.66 -53.17
CA SER E 134 21.18 10.38 -54.34
C SER E 134 19.67 10.44 -54.44
N HIS E 135 18.95 9.72 -53.57
CA HIS E 135 17.50 9.75 -53.57
C HIS E 135 16.92 10.64 -52.47
N THR E 136 17.61 10.76 -51.33
CA THR E 136 17.14 11.56 -50.20
C THR E 136 18.13 12.63 -49.75
N GLN E 137 19.34 12.67 -50.30
CA GLN E 137 20.40 13.58 -49.85
C GLN E 137 20.72 13.39 -48.37
N LYS E 138 20.50 12.18 -47.85
CA LYS E 138 20.83 11.82 -46.49
C LYS E 138 21.61 10.51 -46.49
N ALA E 139 22.27 10.23 -45.36
CA ALA E 139 23.15 9.07 -45.25
C ALA E 139 22.92 8.42 -43.90
N THR E 140 22.46 7.18 -43.92
CA THR E 140 22.17 6.42 -42.71
C THR E 140 23.27 5.38 -42.48
N LEU E 141 23.88 5.43 -41.30
CA LEU E 141 24.82 4.41 -40.85
C LEU E 141 24.09 3.47 -39.89
N VAL E 142 24.33 2.18 -40.04
CA VAL E 142 23.72 1.17 -39.19
C VAL E 142 24.81 0.46 -38.39
N CYS E 143 24.60 0.37 -37.08
CA CYS E 143 25.48 -0.40 -36.22
C CYS E 143 24.78 -1.71 -35.85
N LEU E 144 25.51 -2.80 -35.93
CA LEU E 144 24.97 -4.13 -35.68
C LEU E 144 25.84 -4.83 -34.65
N ALA E 145 25.29 -5.08 -33.47
CA ALA E 145 25.92 -5.93 -32.46
C ALA E 145 25.26 -7.29 -32.49
N THR E 146 26.06 -8.35 -32.58
CA THR E 146 25.52 -9.70 -32.75
C THR E 146 26.23 -10.67 -31.83
N GLY E 147 25.53 -11.77 -31.54
CA GLY E 147 26.13 -12.92 -30.89
C GLY E 147 26.45 -12.76 -29.43
N PHE E 148 25.79 -11.86 -28.72
CA PHE E 148 26.10 -11.66 -27.32
C PHE E 148 25.06 -12.30 -26.41
N TYR E 149 25.53 -12.73 -25.24
CA TYR E 149 24.67 -13.34 -24.23
C TYR E 149 25.33 -13.13 -22.88
N PRO E 150 24.57 -12.62 -21.89
CA PRO E 150 23.16 -12.17 -21.94
C PRO E 150 22.98 -10.85 -22.69
N ASP E 151 21.81 -10.25 -22.55
CA ASP E 151 21.44 -9.07 -23.33
C ASP E 151 21.74 -7.75 -22.61
N HIS E 152 22.68 -7.76 -21.66
CA HIS E 152 23.01 -6.55 -20.91
C HIS E 152 23.98 -5.72 -21.74
N VAL E 153 23.47 -4.88 -22.63
CA VAL E 153 24.31 -4.04 -23.47
C VAL E 153 23.79 -2.61 -23.49
N GLU E 154 24.70 -1.67 -23.76
CA GLU E 154 24.38 -0.27 -23.97
C GLU E 154 25.14 0.22 -25.19
N LEU E 155 24.41 0.76 -26.17
CA LEU E 155 24.97 1.20 -27.43
C LEU E 155 24.98 2.73 -27.50
N SER E 156 26.08 3.29 -27.98
CA SER E 156 26.22 4.73 -28.12
C SER E 156 26.99 5.05 -29.38
N TRP E 157 26.70 6.21 -29.96
CA TRP E 157 27.34 6.67 -31.19
C TRP E 157 28.28 7.84 -30.88
N TRP E 158 29.46 7.81 -31.49
CA TRP E 158 30.47 8.84 -31.29
C TRP E 158 30.91 9.36 -32.65
N VAL E 159 30.78 10.66 -32.87
CA VAL E 159 31.14 11.31 -34.12
C VAL E 159 32.27 12.29 -33.83
N ASN E 160 33.43 12.06 -34.45
CA ASN E 160 34.61 12.90 -34.24
C ASN E 160 34.96 13.00 -32.75
N GLY E 161 34.86 11.87 -32.05
CA GLY E 161 35.22 11.79 -30.66
C GLY E 161 34.18 12.31 -29.68
N LYS E 162 32.98 12.67 -30.15
CA LYS E 162 31.96 13.26 -29.30
C LYS E 162 30.67 12.46 -29.43
N GLU E 163 30.10 12.06 -28.29
CA GLU E 163 28.86 11.29 -28.30
C GLU E 163 27.72 12.15 -28.83
N VAL E 164 26.91 11.59 -29.73
CA VAL E 164 25.81 12.31 -30.33
C VAL E 164 24.51 11.59 -29.98
N HIS E 165 23.43 12.37 -29.98
CA HIS E 165 22.08 11.84 -29.80
C HIS E 165 21.15 12.20 -30.93
N SER E 166 21.32 13.37 -31.55
CA SER E 166 20.51 13.75 -32.70
C SER E 166 20.74 12.76 -33.84
N GLY E 167 19.68 12.48 -34.58
CA GLY E 167 19.77 11.54 -35.68
C GLY E 167 20.04 10.10 -35.28
N VAL E 168 19.91 9.77 -33.99
CA VAL E 168 20.21 8.43 -33.49
C VAL E 168 18.90 7.78 -33.05
N CYS E 169 18.77 6.50 -33.36
CA CYS E 169 17.64 5.70 -32.90
C CYS E 169 18.13 4.27 -32.72
N THR E 170 17.82 3.67 -31.58
CA THR E 170 18.29 2.34 -31.22
C THR E 170 17.11 1.44 -30.89
N ASP E 171 17.21 0.17 -31.28
CA ASP E 171 16.19 -0.80 -30.91
C ASP E 171 15.97 -0.77 -29.40
N PRO E 172 14.74 -0.75 -28.91
CA PRO E 172 14.52 -0.77 -27.46
C PRO E 172 15.08 -2.01 -26.79
N GLN E 173 14.85 -3.18 -27.37
CA GLN E 173 15.35 -4.44 -26.82
C GLN E 173 16.10 -5.22 -27.90
N PRO E 174 17.18 -5.91 -27.53
CA PRO E 174 17.83 -6.80 -28.48
C PRO E 174 16.95 -8.01 -28.81
N LEU E 175 17.08 -8.49 -30.04
CA LEU E 175 16.30 -9.63 -30.51
C LEU E 175 17.10 -10.91 -30.41
N LYS E 176 16.39 -12.04 -30.36
CA LYS E 176 17.02 -13.35 -30.26
C LYS E 176 17.41 -13.85 -31.65
N GLU E 177 18.66 -14.30 -31.79
CA GLU E 177 19.13 -14.85 -33.05
C GLU E 177 18.62 -16.27 -33.29
N GLN E 178 18.21 -16.97 -32.24
CA GLN E 178 17.63 -18.31 -32.37
C GLN E 178 16.51 -18.42 -31.34
N PRO E 179 15.31 -17.94 -31.69
CA PRO E 179 14.23 -17.86 -30.70
C PRO E 179 13.91 -19.17 -30.00
N ALA E 180 14.12 -20.31 -30.65
CA ALA E 180 13.81 -21.60 -30.03
C ALA E 180 14.73 -21.89 -28.84
N LEU E 181 15.99 -21.47 -28.92
CA LEU E 181 16.93 -21.70 -27.83
C LEU E 181 16.64 -20.75 -26.68
N ASN E 182 16.46 -21.32 -25.48
CA ASN E 182 16.26 -20.48 -24.30
C ASN E 182 17.53 -19.75 -23.88
N ASP E 183 18.71 -20.26 -24.26
CA ASP E 183 19.98 -19.59 -24.04
C ASP E 183 20.52 -19.01 -25.34
N SER E 184 19.62 -18.52 -26.19
CA SER E 184 20.00 -17.96 -27.47
C SER E 184 20.84 -16.69 -27.30
N ARG E 185 21.69 -16.43 -28.29
CA ARG E 185 22.44 -15.19 -28.32
C ARG E 185 21.58 -14.09 -28.94
N TYR E 186 21.95 -12.84 -28.67
CA TYR E 186 21.14 -11.68 -29.01
C TYR E 186 21.81 -10.81 -30.06
N ALA E 187 21.00 -9.96 -30.68
CA ALA E 187 21.48 -8.98 -31.64
C ALA E 187 20.81 -7.65 -31.36
N LEU E 188 21.55 -6.56 -31.61
CA LEU E 188 21.02 -5.22 -31.37
C LEU E 188 21.48 -4.32 -32.50
N SER E 189 20.59 -3.43 -32.93
CA SER E 189 20.85 -2.55 -34.06
C SER E 189 20.58 -1.10 -33.69
N SER E 190 21.28 -0.21 -34.37
CA SER E 190 21.09 1.22 -34.17
C SER E 190 21.35 1.94 -35.48
N ARG E 191 20.74 3.11 -35.63
CA ARG E 191 20.90 3.94 -36.81
C ARG E 191 21.42 5.32 -36.41
N LEU E 192 22.32 5.84 -37.24
CA LEU E 192 22.73 7.23 -37.18
C LEU E 192 22.57 7.81 -38.58
N ARG E 193 21.70 8.80 -38.72
CA ARG E 193 21.46 9.44 -40.00
C ARG E 193 22.05 10.85 -39.98
N VAL E 194 22.85 11.16 -40.99
CA VAL E 194 23.49 12.46 -41.13
C VAL E 194 23.25 12.97 -42.54
N SER E 195 23.69 14.21 -42.79
CA SER E 195 23.62 14.78 -44.12
C SER E 195 24.44 13.95 -45.11
N ALA E 196 24.06 14.02 -46.38
CA ALA E 196 24.87 13.41 -47.41
C ALA E 196 26.26 14.06 -47.49
N THR E 197 26.30 15.39 -47.42
CA THR E 197 27.57 16.09 -47.47
C THR E 197 28.43 15.83 -46.23
N PHE E 198 27.79 15.63 -45.07
CA PHE E 198 28.55 15.35 -43.87
C PHE E 198 29.23 14.00 -43.94
N TRP E 199 28.51 12.98 -44.42
CA TRP E 199 29.12 11.65 -44.60
C TRP E 199 30.17 11.66 -45.71
N GLN E 200 29.97 12.48 -46.74
CA GLN E 200 30.91 12.52 -47.86
C GLN E 200 32.21 13.25 -47.52
N ASP E 201 32.26 13.93 -46.40
CA ASP E 201 33.49 14.59 -45.98
C ASP E 201 34.45 13.56 -45.39
N PRO E 202 35.61 13.31 -45.99
CA PRO E 202 36.52 12.30 -45.45
C PRO E 202 37.13 12.66 -44.10
N ARG E 203 36.87 13.86 -43.59
CA ARG E 203 37.40 14.29 -42.31
C ARG E 203 36.57 13.83 -41.12
N ASN E 204 35.32 13.43 -41.36
CA ASN E 204 34.41 13.06 -40.29
C ASN E 204 34.57 11.59 -39.93
N HIS E 205 34.65 11.32 -38.63
CA HIS E 205 34.85 9.97 -38.11
C HIS E 205 33.59 9.50 -37.40
N PHE E 206 33.22 8.25 -37.63
CA PHE E 206 32.04 7.64 -37.03
C PHE E 206 32.46 6.40 -36.26
N ARG E 207 31.92 6.24 -35.05
CA ARG E 207 32.22 5.06 -34.24
C ARG E 207 31.00 4.66 -33.43
N CYS E 208 30.65 3.39 -33.49
CA CYS E 208 29.63 2.78 -32.65
C CYS E 208 30.30 2.05 -31.50
N GLN E 209 29.86 2.32 -30.28
CA GLN E 209 30.44 1.68 -29.10
C GLN E 209 29.36 0.91 -28.35
N VAL E 210 29.66 -0.33 -28.00
CA VAL E 210 28.71 -1.22 -27.36
C VAL E 210 29.31 -1.64 -26.01
N GLN E 211 28.70 -1.17 -24.93
CA GLN E 211 29.09 -1.57 -23.59
C GLN E 211 28.41 -2.90 -23.27
N PHE E 212 29.20 -3.92 -22.98
CA PHE E 212 28.69 -5.24 -22.64
C PHE E 212 28.99 -5.51 -21.17
N TYR E 213 27.96 -5.84 -20.40
CA TYR E 213 28.11 -6.19 -18.99
C TYR E 213 28.18 -7.71 -18.90
N GLY E 214 29.37 -8.21 -18.57
CA GLY E 214 29.61 -9.64 -18.52
C GLY E 214 30.08 -10.11 -17.15
N LEU E 215 31.01 -11.06 -17.14
CA LEU E 215 31.53 -11.58 -15.89
C LEU E 215 32.42 -10.53 -15.21
N SER E 216 32.71 -10.78 -13.93
CA SER E 216 33.49 -9.85 -13.12
C SER E 216 34.86 -10.46 -12.80
N GLU E 217 35.61 -9.77 -11.93
CA GLU E 217 36.93 -10.27 -11.53
C GLU E 217 36.83 -11.46 -10.59
N ASN E 218 35.76 -11.53 -9.79
CA ASN E 218 35.54 -12.65 -8.88
C ASN E 218 34.82 -13.82 -9.55
N ASP E 219 35.19 -14.13 -10.79
CA ASP E 219 34.63 -15.26 -11.51
C ASP E 219 35.77 -16.10 -12.06
N GLU E 220 35.67 -17.42 -11.88
CA GLU E 220 36.65 -18.35 -12.39
C GLU E 220 36.34 -18.72 -13.83
N TRP E 221 37.39 -18.83 -14.65
CA TRP E 221 37.23 -19.10 -16.08
C TRP E 221 38.37 -19.99 -16.53
N THR E 222 38.04 -21.19 -17.01
CA THR E 222 39.02 -22.16 -17.43
C THR E 222 38.82 -22.61 -18.88
N GLN E 223 37.95 -21.95 -19.63
CA GLN E 223 37.67 -22.37 -20.99
C GLN E 223 38.74 -21.88 -21.95
N ASP E 224 38.58 -22.23 -23.23
CA ASP E 224 39.53 -21.83 -24.26
C ASP E 224 39.38 -20.35 -24.60
N ARG E 225 38.28 -20.00 -25.17
CA ARG E 225 38.06 -18.63 -25.62
C ARG E 225 38.30 -17.65 -24.48
N ALA E 226 38.57 -16.40 -24.86
CA ALA E 226 38.86 -15.37 -23.87
C ALA E 226 37.67 -15.16 -22.94
N LYS E 227 37.97 -14.76 -21.71
CA LYS E 227 36.93 -14.60 -20.71
C LYS E 227 36.01 -13.45 -21.09
N PRO E 228 34.63 -13.65 -21.06
CA PRO E 228 33.68 -12.59 -21.48
C PRO E 228 33.31 -11.66 -20.33
N VAL E 229 34.27 -10.85 -19.91
CA VAL E 229 34.05 -9.90 -18.82
C VAL E 229 33.42 -8.63 -19.36
N THR E 230 32.98 -7.75 -18.48
CA THR E 230 32.45 -6.46 -18.87
C THR E 230 33.47 -5.70 -19.71
N GLN E 231 33.04 -5.26 -20.90
CA GLN E 231 33.96 -4.71 -21.88
C GLN E 231 33.20 -3.85 -22.87
N ILE E 232 33.95 -3.09 -23.66
CA ILE E 232 33.42 -2.24 -24.71
C ILE E 232 33.94 -2.76 -26.05
N VAL E 233 33.01 -3.08 -26.95
CA VAL E 233 33.35 -3.50 -28.31
C VAL E 233 32.87 -2.40 -29.27
N SER E 234 33.74 -2.00 -30.19
CA SER E 234 33.49 -0.86 -31.06
C SER E 234 33.75 -1.21 -32.51
N ALA E 235 33.10 -0.47 -33.40
CA ALA E 235 33.36 -0.51 -34.83
C ALA E 235 33.36 0.91 -35.36
N GLU E 236 34.07 1.13 -36.46
CA GLU E 236 34.35 2.46 -36.98
C GLU E 236 34.02 2.56 -38.46
N ALA E 237 33.89 3.81 -38.91
CA ALA E 237 33.79 4.11 -40.34
C ALA E 237 34.18 5.57 -40.54
N TRP E 238 35.05 5.82 -41.49
CA TRP E 238 35.41 7.18 -41.88
C TRP E 238 34.54 7.63 -43.05
N GLY E 239 34.34 8.94 -43.15
CA GLY E 239 33.66 9.50 -44.30
C GLY E 239 34.45 9.28 -45.58
N ARG E 240 33.73 9.31 -46.70
CA ARG E 240 34.33 9.06 -47.99
C ARG E 240 33.53 9.76 -49.07
N ALA E 241 34.24 10.30 -50.06
CA ALA E 241 33.60 10.99 -51.18
C ALA E 241 33.50 10.09 -52.40
#